data_7QOX
#
_entry.id   7QOX
#
_cell.length_a   55.543
_cell.length_b   68.258
_cell.length_c   120.311
_cell.angle_alpha   90.000
_cell.angle_beta   96.550
_cell.angle_gamma   90.000
#
_symmetry.space_group_name_H-M   'P 1 21 1'
#
loop_
_entity.id
_entity.type
_entity.pdbx_description
1 polymer 'Plasma kallikrein heavy chain'
2 polymer 'Kininogen-1 light chain'
3 non-polymer GLYCEROL
4 non-polymer DI(HYDROXYETHYL)ETHER
5 non-polymer 2-{2-[2-(2-{2-[2-(2-ETHOXY-ETHOXY)-ETHOXY]-ETHOXY}-ETHOXY)-ETHOXY]-ETHOXY}-ETHANOL
6 non-polymer 'TETRAETHYLENE GLYCOL'
7 non-polymer 2-acetamido-2-deoxy-beta-D-glucopyranose
8 non-polymer 1-(2-METHOXY-ETHOXY)-2-{2-[2-(2-METHOXY-ETHOXY]-ETHOXY}-ETHANE
9 water water
#
loop_
_entity_poly.entity_id
_entity_poly.type
_entity_poly.pdbx_seq_one_letter_code
_entity_poly.pdbx_strand_id
1 'polypeptide(L)'
;RSHHHHHHGCLTQLYENAFFRGGDVASMYTPNAQYCQMRCTFHPRCLLFSFLPASSINDMEKRFGCFLKDSVTGTLPKVH
RTGAVSGHSLKQCGHQISACHRDIYKGVDMRGVNFNVSKVSSVEECQKRCTNNIRCQFFSYATQTFHKAEYRNNCLLKYS
PGGTPTAIKVLSNVESGFSLKPCALSEIGCHMNIFQHLAFSDVDVARVLTPDAFVCRTICTYHPNCLFFTFYTNVWKIES
QRNVCLLKTSESGTPSSSTPQENTISGYSLLTCKRTLPEPCHSKIYPGVDFGGEELNVTFVKGVNVCQETCTKMIRCQFF
TYSLLPEDCKAEACKCFLRLSMDGSPTRIAYGTQGSSGYSLRLCNTG
;
A,B
2 'polypeptide(L)' TQSDDDWIPDIQIDPNGLSFNPISDFPDT D,C
#
# COMPACT_ATOMS: atom_id res chain seq x y z
N GLY A 9 0.24 12.90 -1.99
CA GLY A 9 0.64 11.63 -1.40
C GLY A 9 1.78 10.92 -2.11
N CYS A 10 1.58 9.65 -2.43
CA CYS A 10 2.61 8.83 -3.07
C CYS A 10 2.85 9.20 -4.54
N LEU A 11 4.06 9.66 -4.85
CA LEU A 11 4.46 10.02 -6.21
C LEU A 11 5.60 9.12 -6.70
N THR A 12 5.25 8.07 -7.44
CA THR A 12 6.24 7.15 -8.00
C THR A 12 6.81 7.59 -9.35
N GLN A 13 6.29 8.65 -9.95
CA GLN A 13 6.73 9.04 -11.29
C GLN A 13 8.20 9.48 -11.29
N LEU A 14 8.94 9.00 -12.28
CA LEU A 14 10.30 9.42 -12.57
C LEU A 14 10.28 10.40 -13.73
N TYR A 15 11.38 11.14 -13.90
CA TYR A 15 11.45 12.22 -14.88
C TYR A 15 12.70 12.01 -15.72
N GLU A 16 12.53 11.63 -16.98
CA GLU A 16 13.68 11.32 -17.83
C GLU A 16 14.38 12.60 -18.28
N ASN A 17 15.70 12.49 -18.43
CA ASN A 17 16.54 13.59 -18.92
C ASN A 17 16.37 14.87 -18.08
N ALA A 18 16.21 14.71 -16.76
CA ALA A 18 15.93 15.83 -15.89
C ALA A 18 16.88 15.82 -14.69
N PHE A 19 17.37 16.99 -14.32
CA PHE A 19 18.20 17.14 -13.13
C PHE A 19 17.69 18.32 -12.32
N PHE A 20 17.27 17.93 -11.12
CA PHE A 20 16.82 18.95 -10.16
C PHE A 20 18.06 19.70 -9.74
N ARG A 21 17.83 20.93 -9.49
CA ARG A 21 18.89 21.94 -9.21
C ARG A 21 18.54 22.76 -7.97
N GLY A 22 19.60 22.68 -7.15
CA GLY A 22 19.52 23.20 -5.79
C GLY A 22 18.82 22.31 -4.79
N GLY A 23 18.50 22.88 -3.64
CA GLY A 23 17.87 22.13 -2.56
C GLY A 23 18.64 20.97 -1.97
N ASP A 24 19.96 20.93 -2.22
CA ASP A 24 20.76 19.76 -1.91
C ASP A 24 20.92 19.58 -0.39
N VAL A 25 20.62 18.37 0.09
CA VAL A 25 20.82 18.01 1.49
C VAL A 25 21.88 16.93 1.66
N ALA A 26 22.14 16.11 0.64
CA ALA A 26 23.12 15.02 0.73
C ALA A 26 23.40 14.51 -0.68
N SER A 27 24.63 14.03 -0.89
CA SER A 27 25.02 13.38 -2.13
C SER A 27 25.87 12.15 -1.83
N MET A 28 25.97 11.27 -2.81
CA MET A 28 26.59 9.97 -2.65
C MET A 28 26.67 9.30 -4.01
N TYR A 29 27.33 8.15 -4.05
CA TYR A 29 27.35 7.29 -5.22
C TYR A 29 26.39 6.13 -5.02
N THR A 30 25.60 5.85 -6.06
CA THR A 30 24.72 4.70 -6.08
C THR A 30 24.82 4.07 -7.47
N PRO A 31 24.55 2.77 -7.57
CA PRO A 31 24.72 2.10 -8.87
C PRO A 31 23.64 2.46 -9.87
N ASN A 32 22.43 2.80 -9.43
CA ASN A 32 21.38 3.22 -10.35
C ASN A 32 20.45 4.20 -9.67
N ALA A 33 19.44 4.66 -10.42
CA ALA A 33 18.50 5.65 -9.91
C ALA A 33 17.54 5.07 -8.88
N GLN A 34 17.22 3.79 -8.98
CA GLN A 34 16.30 3.16 -8.00
C GLN A 34 16.95 3.10 -6.61
N TYR A 35 18.25 2.81 -6.55
CA TYR A 35 18.92 2.84 -5.26
C TYR A 35 18.97 4.26 -4.70
N CYS A 36 19.28 5.24 -5.55
CA CYS A 36 19.25 6.64 -5.13
C CYS A 36 17.90 7.02 -4.56
N GLN A 37 16.82 6.62 -5.24
CA GLN A 37 15.48 6.91 -4.76
C GLN A 37 15.21 6.30 -3.40
N MET A 38 15.73 5.09 -3.17
CA MET A 38 15.56 4.45 -1.86
C MET A 38 16.26 5.24 -0.77
N ARG A 39 17.49 5.70 -1.03
CA ARG A 39 18.20 6.52 -0.07
C ARG A 39 17.47 7.83 0.19
N CYS A 40 16.88 8.41 -0.86
CA CYS A 40 15.98 9.54 -0.67
C CYS A 40 14.82 9.20 0.25
N THR A 41 14.18 8.05 0.01
CA THR A 41 13.04 7.63 0.83
C THR A 41 13.38 7.59 2.32
N PHE A 42 14.53 7.00 2.66
CA PHE A 42 14.91 6.88 4.07
C PHE A 42 15.66 8.08 4.63
N HIS A 43 16.08 9.03 3.80
CA HIS A 43 16.67 10.24 4.36
C HIS A 43 15.58 11.11 4.96
N PRO A 44 15.70 11.52 6.22
CA PRO A 44 14.59 12.24 6.89
C PRO A 44 14.13 13.50 6.16
N ARG A 45 15.02 14.21 5.46
CA ARG A 45 14.64 15.42 4.74
C ARG A 45 14.44 15.26 3.23
N CYS A 46 14.88 14.17 2.63
CA CYS A 46 14.80 14.05 1.18
C CYS A 46 13.35 13.94 0.69
N LEU A 47 13.02 14.78 -0.29
CA LEU A 47 11.77 14.73 -1.04
C LEU A 47 12.00 14.48 -2.52
N LEU A 48 13.10 15.00 -3.07
CA LEU A 48 13.41 14.91 -4.48
C LEU A 48 14.84 14.41 -4.62
N PHE A 49 15.11 13.70 -5.71
CA PHE A 49 16.46 13.21 -5.99
C PHE A 49 16.76 13.41 -7.47
N SER A 50 18.04 13.50 -7.79
CA SER A 50 18.50 13.43 -9.17
C SER A 50 19.67 12.47 -9.25
N PHE A 51 19.69 11.66 -10.31
CA PHE A 51 20.74 10.67 -10.49
C PHE A 51 21.38 10.82 -11.86
N LEU A 52 22.69 10.56 -11.91
CA LEU A 52 23.45 10.65 -13.14
C LEU A 52 24.06 9.30 -13.45
N PRO A 53 23.57 8.55 -14.43
CA PRO A 53 24.28 7.34 -14.84
C PRO A 53 25.60 7.71 -15.50
N ALA A 54 26.49 6.73 -15.56
CA ALA A 54 27.79 6.91 -16.21
C ALA A 54 27.63 7.53 -17.59
N SER A 55 26.62 7.07 -18.33
CA SER A 55 26.38 7.56 -19.69
C SER A 55 25.97 9.03 -19.72
N SER A 56 25.42 9.55 -18.62
CA SER A 56 24.83 10.88 -18.63
C SER A 56 25.82 12.04 -18.45
N ILE A 57 27.07 11.80 -18.10
CA ILE A 57 27.94 12.95 -17.79
C ILE A 57 29.41 12.62 -18.02
N ASN A 58 30.15 13.62 -18.48
CA ASN A 58 31.55 13.46 -18.86
C ASN A 58 32.46 13.42 -17.63
N ASP A 59 32.34 14.41 -16.74
CA ASP A 59 33.12 14.47 -15.50
C ASP A 59 33.13 13.13 -14.77
N MET A 60 34.34 12.61 -14.56
CA MET A 60 34.50 11.25 -14.03
C MET A 60 33.87 11.09 -12.66
N GLU A 61 34.18 12.02 -11.76
CA GLU A 61 33.82 11.86 -10.37
C GLU A 61 32.45 12.39 -10.04
N LYS A 62 31.63 12.67 -11.07
CA LYS A 62 30.18 12.93 -10.96
C LYS A 62 29.33 11.79 -11.49
N ARG A 63 29.94 10.85 -12.21
CA ARG A 63 29.24 9.64 -12.64
C ARG A 63 28.75 8.81 -11.46
N PHE A 64 27.56 8.23 -11.60
CA PHE A 64 26.84 7.52 -10.53
C PHE A 64 26.45 8.45 -9.40
N GLY A 65 26.45 9.76 -9.65
CA GLY A 65 26.15 10.73 -8.63
C GLY A 65 24.68 10.73 -8.27
N CYS A 66 24.39 10.63 -6.98
CA CYS A 66 23.03 10.60 -6.46
C CYS A 66 22.87 11.80 -5.54
N PHE A 67 21.96 12.71 -5.89
CA PHE A 67 21.84 14.00 -5.22
C PHE A 67 20.47 14.10 -4.56
N LEU A 68 20.46 14.07 -3.24
CA LEU A 68 19.22 14.13 -2.46
C LEU A 68 18.88 15.56 -2.10
N LYS A 69 17.59 15.89 -2.14
CA LYS A 69 17.18 17.29 -2.10
C LYS A 69 15.88 17.47 -1.33
N ASP A 70 15.74 18.73 -0.95
CA ASP A 70 14.56 19.21 -0.21
C ASP A 70 14.15 20.60 -0.76
N SER A 71 12.93 21.04 -0.57
CA SER A 71 12.15 22.24 -0.96
C SER A 71 10.93 22.37 -0.06
N VAL A 72 10.88 23.56 0.55
CA VAL A 72 9.72 23.91 1.37
C VAL A 72 8.43 23.85 0.57
N THR A 73 8.54 24.02 -0.75
CA THR A 73 7.43 24.03 -1.67
C THR A 73 7.18 22.68 -2.35
N GLY A 74 7.99 21.66 -2.05
CA GLY A 74 7.96 20.36 -2.71
C GLY A 74 8.29 20.34 -4.18
N THR A 75 8.83 21.43 -4.72
CA THR A 75 9.20 21.50 -6.13
C THR A 75 10.54 22.21 -6.22
N LEU A 76 11.24 21.98 -7.32
CA LEU A 76 12.53 22.60 -7.55
C LEU A 76 12.66 22.89 -9.06
N PRO A 77 13.51 23.85 -9.39
CA PRO A 77 13.83 24.02 -10.82
C PRO A 77 14.57 22.78 -11.31
N LYS A 78 14.43 22.52 -12.60
CA LYS A 78 15.12 21.39 -13.20
C LYS A 78 15.60 21.78 -14.59
N VAL A 79 16.71 21.17 -15.00
CA VAL A 79 17.29 21.41 -16.30
C VAL A 79 17.21 20.12 -17.09
N HIS A 80 17.14 20.25 -18.41
CA HIS A 80 17.24 19.09 -19.27
C HIS A 80 18.70 18.66 -19.32
N ARG A 81 18.81 17.32 -19.15
CA ARG A 81 20.20 16.80 -19.32
C ARG A 81 20.05 15.37 -19.86
N THR A 82 20.55 14.99 -20.89
CA THR A 82 20.27 13.67 -21.46
C THR A 82 20.82 12.56 -20.59
N GLY A 83 19.97 11.58 -20.28
CA GLY A 83 20.32 10.42 -19.51
C GLY A 83 20.17 10.56 -18.02
N ALA A 84 20.03 11.78 -17.50
CA ALA A 84 19.83 11.95 -16.07
C ALA A 84 18.43 11.52 -15.68
N VAL A 85 18.29 11.02 -14.46
CA VAL A 85 17.03 10.53 -13.93
C VAL A 85 16.72 11.28 -12.65
N SER A 86 15.48 11.75 -12.54
CA SER A 86 15.02 12.49 -11.38
C SER A 86 13.69 11.91 -10.93
N GLY A 87 13.34 12.15 -9.67
CA GLY A 87 12.10 11.65 -9.15
C GLY A 87 11.88 12.07 -7.72
N HIS A 88 10.93 11.39 -7.07
CA HIS A 88 10.55 11.70 -5.70
C HIS A 88 11.00 10.60 -4.74
N SER A 89 10.94 10.93 -3.46
CA SER A 89 11.02 9.90 -2.44
C SER A 89 9.75 9.07 -2.47
N LEU A 90 9.83 7.87 -1.88
CA LEU A 90 8.65 7.05 -1.71
C LEU A 90 8.03 7.20 -0.33
N LYS A 91 8.33 8.31 0.35
CA LYS A 91 7.54 8.74 1.50
C LYS A 91 6.06 8.74 1.15
N GLN A 92 5.24 8.21 2.08
CA GLN A 92 3.78 8.12 1.95
C GLN A 92 3.35 7.03 0.96
N CYS A 93 4.24 6.11 0.59
CA CYS A 93 3.93 5.07 -0.38
C CYS A 93 3.71 3.69 0.24
N GLY A 94 3.54 3.61 1.56
CA GLY A 94 3.25 2.34 2.22
C GLY A 94 4.18 1.20 1.87
N HIS A 95 3.59 0.06 1.50
CA HIS A 95 4.33 -1.18 1.23
C HIS A 95 5.41 -1.03 0.17
N GLN A 96 5.40 0.04 -0.62
CA GLN A 96 6.49 0.24 -1.57
C GLN A 96 7.77 0.71 -0.90
N ILE A 97 7.68 1.16 0.35
CA ILE A 97 8.88 1.52 1.09
C ILE A 97 9.60 0.23 1.49
N SER A 98 10.84 0.08 1.00
CA SER A 98 11.64 -1.10 1.30
C SER A 98 13.11 -0.74 1.29
N ALA A 99 13.86 -1.34 2.22
CA ALA A 99 15.30 -1.28 2.21
C ALA A 99 15.96 -2.37 1.37
N CYS A 100 15.19 -3.23 0.72
CA CYS A 100 15.73 -4.41 0.05
C CYS A 100 16.15 -4.05 -1.37
N HIS A 101 17.40 -4.36 -1.71
CA HIS A 101 17.94 -4.09 -3.04
C HIS A 101 18.74 -5.31 -3.50
N ARG A 102 18.17 -6.07 -4.44
CA ARG A 102 18.69 -7.37 -4.84
C ARG A 102 19.68 -7.33 -5.99
N ASP A 103 19.61 -6.29 -6.82
CA ASP A 103 20.36 -6.22 -8.11
C ASP A 103 21.87 -6.48 -8.10
N ILE A 104 22.33 -7.44 -8.92
CA ILE A 104 23.75 -7.59 -9.17
C ILE A 104 24.09 -6.66 -10.33
N TYR A 105 25.16 -5.90 -10.21
CA TYR A 105 25.53 -4.90 -11.20
C TYR A 105 26.80 -5.38 -11.88
N LYS A 106 26.68 -5.76 -13.15
CA LYS A 106 27.76 -6.37 -13.89
C LYS A 106 28.62 -5.31 -14.58
N GLY A 107 29.93 -5.49 -14.52
CA GLY A 107 30.83 -4.53 -15.11
C GLY A 107 31.06 -3.31 -14.24
N VAL A 108 30.85 -3.45 -12.93
CA VAL A 108 30.86 -2.33 -12.00
C VAL A 108 31.62 -2.74 -10.74
N ASP A 109 32.50 -1.85 -10.27
CA ASP A 109 33.20 -2.04 -9.00
C ASP A 109 32.75 -0.97 -8.00
N MET A 110 31.94 -1.37 -7.03
CA MET A 110 31.53 -0.49 -5.93
C MET A 110 32.59 -0.51 -4.84
N ARG A 111 33.31 0.61 -4.69
CA ARG A 111 34.47 0.68 -3.80
C ARG A 111 34.09 1.12 -2.39
N GLY A 112 34.85 0.64 -1.42
CA GLY A 112 34.66 1.01 -0.03
C GLY A 112 35.85 0.57 0.78
N VAL A 113 35.63 0.38 2.08
CA VAL A 113 36.67 -0.16 2.95
C VAL A 113 36.66 -1.68 2.81
N ASN A 114 37.72 -2.23 2.23
CA ASN A 114 37.81 -3.68 2.10
C ASN A 114 38.29 -4.24 3.42
N PHE A 115 37.48 -5.11 4.01
CA PHE A 115 37.83 -5.74 5.26
C PHE A 115 37.91 -7.24 5.10
N ASN A 116 37.68 -7.72 3.88
CA ASN A 116 37.62 -9.19 3.70
C ASN A 116 37.87 -9.65 2.26
N VAL A 117 38.85 -10.53 2.04
CA VAL A 117 39.05 -11.12 0.74
C VAL A 117 39.09 -12.64 0.85
N SER A 118 38.48 -13.30 -0.14
CA SER A 118 38.55 -14.75 -0.29
C SER A 118 38.32 -15.11 -1.75
N LYS A 119 38.60 -16.37 -2.09
CA LYS A 119 38.31 -16.88 -3.44
C LYS A 119 37.03 -17.69 -3.42
N VAL A 120 36.14 -17.34 -4.35
CA VAL A 120 34.77 -17.89 -4.37
C VAL A 120 34.46 -18.35 -5.79
N SER A 121 33.40 -19.14 -5.96
CA SER A 121 33.13 -19.72 -7.26
C SER A 121 32.23 -18.86 -8.14
N SER A 122 31.40 -18.00 -7.56
CA SER A 122 30.49 -17.20 -8.36
C SER A 122 30.14 -15.91 -7.62
N VAL A 123 29.52 -15.00 -8.35
CA VAL A 123 29.06 -13.76 -7.73
C VAL A 123 28.00 -14.03 -6.68
N GLU A 124 27.12 -15.02 -6.90
CA GLU A 124 26.07 -15.27 -5.92
C GLU A 124 26.64 -15.88 -4.65
N GLU A 125 27.74 -16.62 -4.76
CA GLU A 125 28.40 -17.07 -3.54
C GLU A 125 29.10 -15.92 -2.81
N CYS A 126 29.62 -14.93 -3.56
CA CYS A 126 30.11 -13.71 -2.94
C CYS A 126 28.99 -12.95 -2.24
N GLN A 127 27.85 -12.78 -2.92
CA GLN A 127 26.69 -12.15 -2.29
C GLN A 127 26.30 -12.85 -1.00
N LYS A 128 26.40 -14.18 -0.96
CA LYS A 128 26.01 -14.92 0.23
C LYS A 128 26.97 -14.65 1.38
N ARG A 129 28.25 -14.65 1.08
CA ARG A 129 29.27 -14.32 2.12
C ARG A 129 29.00 -12.93 2.70
N CYS A 130 28.71 -11.95 1.85
CA CYS A 130 28.41 -10.60 2.33
C CYS A 130 27.16 -10.60 3.19
N THR A 131 26.09 -11.24 2.72
CA THR A 131 24.83 -11.27 3.44
C THR A 131 24.98 -11.90 4.83
N ASN A 132 25.85 -12.90 4.97
CA ASN A 132 26.05 -13.58 6.25
C ASN A 132 27.23 -13.04 7.05
N ASN A 133 27.87 -11.96 6.62
CA ASN A 133 28.84 -11.25 7.45
C ASN A 133 28.19 -9.96 7.92
N ILE A 134 28.11 -9.80 9.25
CA ILE A 134 27.34 -8.69 9.82
C ILE A 134 27.89 -7.34 9.38
N ARG A 135 29.18 -7.22 9.09
CA ARG A 135 29.77 -5.90 8.77
C ARG A 135 29.68 -5.59 7.27
N CYS A 136 29.30 -6.57 6.45
CA CYS A 136 29.33 -6.34 5.01
C CYS A 136 28.08 -5.62 4.56
N GLN A 137 28.26 -4.47 3.91
CA GLN A 137 27.15 -3.74 3.31
C GLN A 137 27.09 -3.91 1.80
N PHE A 138 28.22 -4.14 1.14
CA PHE A 138 28.27 -4.40 -0.29
C PHE A 138 29.57 -5.11 -0.62
N PHE A 139 29.64 -5.65 -1.84
CA PHE A 139 30.74 -6.53 -2.24
C PHE A 139 31.13 -6.28 -3.70
N SER A 140 32.31 -6.79 -4.07
CA SER A 140 32.75 -6.86 -5.46
C SER A 140 33.38 -8.21 -5.75
N TYR A 141 33.07 -8.77 -6.93
CA TYR A 141 33.56 -10.08 -7.36
C TYR A 141 34.21 -9.96 -8.72
N ALA A 142 35.45 -10.44 -8.85
CA ALA A 142 36.15 -10.50 -10.12
C ALA A 142 36.01 -11.90 -10.69
N THR A 143 35.52 -12.00 -11.93
CA THR A 143 35.28 -13.30 -12.53
C THR A 143 36.56 -13.96 -13.04
N GLN A 144 36.38 -15.19 -13.53
CA GLN A 144 37.43 -15.97 -14.16
C GLN A 144 38.02 -15.31 -15.40
N THR A 145 37.30 -14.37 -16.01
CA THR A 145 37.76 -13.63 -17.19
C THR A 145 38.58 -12.37 -16.86
N PHE A 146 38.57 -11.93 -15.61
CA PHE A 146 39.21 -10.67 -15.22
C PHE A 146 40.65 -10.59 -15.71
N HIS A 147 41.03 -9.38 -16.19
CA HIS A 147 42.30 -9.21 -16.90
C HIS A 147 43.53 -9.59 -16.06
N LYS A 148 43.56 -9.22 -14.78
CA LYS A 148 44.69 -9.59 -13.92
C LYS A 148 44.40 -10.91 -13.22
N ALA A 149 45.29 -11.90 -13.43
CA ALA A 149 45.05 -13.27 -13.01
C ALA A 149 45.00 -13.45 -11.49
N GLU A 150 45.80 -12.68 -10.73
CA GLU A 150 45.84 -12.93 -9.29
C GLU A 150 44.50 -12.61 -8.63
N TYR A 151 43.75 -11.68 -9.20
CA TYR A 151 42.48 -11.24 -8.60
C TYR A 151 41.30 -12.09 -9.00
N ARG A 152 41.46 -13.02 -9.95
CA ARG A 152 40.34 -13.81 -10.43
C ARG A 152 39.72 -14.61 -9.30
N ASN A 153 38.39 -14.56 -9.21
CA ASN A 153 37.56 -15.19 -8.18
C ASN A 153 37.64 -14.52 -6.81
N ASN A 154 38.30 -13.37 -6.69
CA ASN A 154 38.33 -12.65 -5.42
C ASN A 154 36.96 -12.11 -5.07
N CYS A 155 36.54 -12.33 -3.82
CA CYS A 155 35.30 -11.80 -3.27
C CYS A 155 35.70 -10.81 -2.18
N LEU A 156 35.44 -9.53 -2.41
CA LEU A 156 35.77 -8.49 -1.45
C LEU A 156 34.51 -8.06 -0.71
N LEU A 157 34.54 -8.16 0.61
CA LEU A 157 33.45 -7.67 1.45
C LEU A 157 33.82 -6.27 1.92
N LYS A 158 32.85 -5.37 1.90
CA LYS A 158 33.13 -3.95 2.05
C LYS A 158 32.09 -3.28 2.95
N TYR A 159 32.51 -2.18 3.56
CA TYR A 159 31.59 -1.23 4.18
C TYR A 159 32.11 0.18 3.89
N SER A 160 31.33 1.18 4.30
CA SER A 160 31.67 2.57 4.02
C SER A 160 30.81 3.47 4.90
N PRO A 161 31.24 4.72 5.11
CA PRO A 161 30.34 5.70 5.74
C PRO A 161 29.01 5.85 5.00
N GLY A 162 27.89 5.72 5.72
CA GLY A 162 26.56 5.75 5.12
C GLY A 162 26.16 4.55 4.29
N GLY A 163 27.00 3.52 4.21
CA GLY A 163 26.70 2.34 3.41
C GLY A 163 26.62 2.54 1.92
N THR A 164 27.07 3.67 1.37
CA THR A 164 27.15 3.84 -0.07
C THR A 164 28.61 3.80 -0.53
N PRO A 165 28.87 3.37 -1.76
CA PRO A 165 30.27 3.25 -2.20
C PRO A 165 30.98 4.60 -2.23
N THR A 166 32.25 4.58 -1.82
CA THR A 166 33.05 5.80 -1.89
C THR A 166 33.43 6.11 -3.33
N ALA A 167 33.40 5.11 -4.20
CA ALA A 167 33.50 5.29 -5.63
C ALA A 167 32.84 4.10 -6.31
N ILE A 168 32.35 4.34 -7.52
CA ILE A 168 31.86 3.28 -8.40
C ILE A 168 32.60 3.42 -9.72
N LYS A 169 33.28 2.36 -10.13
CA LYS A 169 34.03 2.39 -11.37
C LYS A 169 33.45 1.39 -12.37
N VAL A 170 33.41 1.81 -13.63
CA VAL A 170 33.06 0.88 -14.70
C VAL A 170 34.30 0.04 -14.98
N LEU A 171 34.16 -1.28 -14.88
CA LEU A 171 35.31 -2.18 -14.91
C LEU A 171 34.82 -3.52 -15.44
N SER A 172 35.40 -3.99 -16.54
CA SER A 172 35.01 -5.27 -17.10
C SER A 172 35.29 -6.41 -16.14
N ASN A 173 34.38 -7.39 -16.13
CA ASN A 173 34.52 -8.66 -15.42
C ASN A 173 34.58 -8.50 -13.91
N VAL A 174 34.04 -7.42 -13.36
CA VAL A 174 33.80 -7.27 -11.94
C VAL A 174 32.30 -7.12 -11.74
N GLU A 175 31.76 -7.81 -10.74
CA GLU A 175 30.33 -7.78 -10.45
C GLU A 175 30.15 -7.40 -9.00
N SER A 176 29.32 -6.38 -8.75
CA SER A 176 29.09 -5.87 -7.41
C SER A 176 27.62 -5.94 -7.03
N GLY A 177 27.39 -5.89 -5.72
CA GLY A 177 26.03 -5.87 -5.20
C GLY A 177 26.05 -5.56 -3.72
N PHE A 178 24.87 -5.44 -3.16
CA PHE A 178 24.69 -5.11 -1.74
C PHE A 178 24.36 -6.36 -0.94
N SER A 179 24.56 -6.26 0.38
CA SER A 179 24.08 -7.28 1.29
C SER A 179 22.58 -7.48 1.15
N LEU A 180 22.14 -8.73 1.29
CA LEU A 180 20.72 -9.05 1.31
C LEU A 180 20.17 -9.18 2.73
N LYS A 181 20.95 -8.76 3.73
CA LYS A 181 20.43 -8.59 5.10
C LYS A 181 19.12 -7.81 5.16
N PRO A 182 18.96 -6.67 4.50
CA PRO A 182 17.66 -5.98 4.56
C PRO A 182 16.58 -6.64 3.71
N CYS A 183 16.89 -7.74 3.04
CA CYS A 183 15.87 -8.53 2.35
C CYS A 183 15.44 -9.74 3.17
N ALA A 184 15.77 -9.75 4.46
CA ALA A 184 15.39 -10.83 5.38
C ALA A 184 15.94 -12.18 4.94
N LEU A 185 17.10 -12.18 4.29
CA LEU A 185 17.71 -13.41 3.79
C LEU A 185 19.00 -13.77 4.52
N SER A 186 19.35 -13.06 5.59
CA SER A 186 20.57 -13.36 6.31
C SER A 186 20.39 -14.54 7.23
N GLU A 187 21.47 -15.32 7.38
CA GLU A 187 21.52 -16.37 8.38
C GLU A 187 22.15 -15.88 9.68
N ILE A 188 22.47 -14.58 9.76
CA ILE A 188 22.87 -13.97 11.02
C ILE A 188 21.67 -13.94 11.95
N GLY A 189 21.94 -14.12 13.24
CA GLY A 189 20.85 -14.20 14.21
C GLY A 189 20.16 -12.88 14.46
N CYS A 190 18.91 -12.99 14.92
CA CYS A 190 18.08 -11.86 15.31
C CYS A 190 18.01 -11.84 16.83
N HIS A 191 18.49 -10.75 17.43
CA HIS A 191 18.62 -10.65 18.88
C HIS A 191 17.73 -9.54 19.42
N MET A 192 16.63 -9.97 20.02
CA MET A 192 15.60 -9.09 20.55
C MET A 192 15.94 -8.54 21.93
N ASN A 193 17.12 -8.85 22.45
CA ASN A 193 17.46 -8.49 23.82
C ASN A 193 17.42 -6.99 24.05
N ILE A 194 16.80 -6.60 25.15
CA ILE A 194 16.90 -5.26 25.71
C ILE A 194 17.58 -5.40 27.07
N PHE A 195 18.75 -4.78 27.22
CA PHE A 195 19.52 -4.87 28.45
C PHE A 195 19.26 -3.67 29.35
N GLN A 196 18.54 -3.91 30.45
CA GLN A 196 18.34 -2.89 31.48
C GLN A 196 19.65 -2.53 32.17
N HIS A 197 19.84 -1.24 32.42
CA HIS A 197 20.98 -0.73 33.20
C HIS A 197 22.32 -1.24 32.67
N LEU A 198 22.52 -1.09 31.37
CA LEU A 198 23.68 -1.66 30.68
C LEU A 198 24.05 -0.77 29.50
N ALA A 199 25.32 -0.38 29.41
CA ALA A 199 25.83 0.46 28.34
C ALA A 199 26.88 -0.27 27.50
N PHE A 200 26.89 0.02 26.19
CA PHE A 200 27.96 -0.34 25.27
C PHE A 200 28.93 0.83 25.08
N SER A 201 30.12 0.53 24.55
CA SER A 201 31.14 1.55 24.30
C SER A 201 31.46 1.66 22.84
N ASP A 202 32.52 0.97 22.34
CA ASP A 202 32.98 0.88 20.95
C ASP A 202 33.04 2.19 20.17
N VAL A 203 32.30 2.34 19.07
CA VAL A 203 32.43 3.51 18.22
C VAL A 203 31.05 4.11 17.98
N ASP A 204 30.89 5.38 18.32
CA ASP A 204 29.64 6.08 18.07
C ASP A 204 29.61 6.59 16.65
N VAL A 205 28.55 6.25 15.91
CA VAL A 205 28.38 6.70 14.54
C VAL A 205 27.32 7.77 14.42
N ALA A 206 26.40 7.88 15.36
CA ALA A 206 25.41 8.94 15.34
C ALA A 206 24.82 9.13 16.73
N ARG A 207 24.19 10.28 16.93
CA ARG A 207 23.53 10.61 18.18
C ARG A 207 22.24 11.34 17.87
N VAL A 208 21.13 10.84 18.43
CA VAL A 208 19.82 11.49 18.32
C VAL A 208 19.14 11.42 19.68
N LEU A 209 18.03 12.14 19.79
CA LEU A 209 17.15 12.06 20.95
C LEU A 209 15.93 11.19 20.63
N THR A 210 15.56 10.33 21.58
CA THR A 210 14.45 9.41 21.42
C THR A 210 13.69 9.34 22.74
N PRO A 211 12.38 9.13 22.70
CA PRO A 211 11.61 9.11 23.95
C PRO A 211 11.83 7.83 24.74
N ASP A 212 12.17 6.74 24.05
CA ASP A 212 12.44 5.47 24.71
C ASP A 212 13.48 4.70 23.89
N ALA A 213 13.89 3.55 24.43
CA ALA A 213 14.89 2.72 23.76
C ALA A 213 14.34 2.01 22.53
N PHE A 214 13.04 1.79 22.47
CA PHE A 214 12.47 1.07 21.33
C PHE A 214 12.52 1.91 20.06
N VAL A 215 12.30 3.22 20.18
CA VAL A 215 12.51 4.10 19.04
C VAL A 215 13.98 4.09 18.64
N CYS A 216 14.87 4.15 19.63
CA CYS A 216 16.30 4.11 19.37
C CYS A 216 16.69 2.85 18.60
N ARG A 217 16.15 1.70 19.02
CA ARG A 217 16.42 0.46 18.31
C ARG A 217 15.96 0.50 16.86
N THR A 218 14.76 1.03 16.62
CA THR A 218 14.25 1.11 15.25
C THR A 218 15.13 2.01 14.39
N ILE A 219 15.57 3.14 14.93
CA ILE A 219 16.46 4.02 14.18
C ILE A 219 17.77 3.31 13.88
N CYS A 220 18.31 2.58 14.86
CA CYS A 220 19.53 1.81 14.63
C CYS A 220 19.34 0.78 13.54
N THR A 221 18.19 0.11 13.54
CA THR A 221 17.89 -0.93 12.55
C THR A 221 18.05 -0.40 11.13
N TYR A 222 17.55 0.80 10.87
CA TYR A 222 17.54 1.35 9.52
C TYR A 222 18.67 2.32 9.25
N HIS A 223 19.51 2.63 10.23
CA HIS A 223 20.68 3.46 9.96
C HIS A 223 21.81 2.60 9.42
N PRO A 224 22.37 2.94 8.27
CA PRO A 224 23.34 2.04 7.61
C PRO A 224 24.56 1.69 8.44
N ASN A 225 25.04 2.57 9.32
CA ASN A 225 26.21 2.29 10.13
C ASN A 225 25.93 1.72 11.53
N CYS A 226 24.69 1.53 11.95
CA CYS A 226 24.43 1.12 13.33
C CYS A 226 24.23 -0.38 13.45
N LEU A 227 25.03 -1.02 14.30
CA LEU A 227 24.82 -2.43 14.63
C LEU A 227 24.21 -2.65 16.01
N PHE A 228 24.43 -1.72 16.95
CA PHE A 228 23.87 -1.82 18.30
C PHE A 228 23.81 -0.41 18.86
N PHE A 229 23.18 -0.26 20.02
CA PHE A 229 22.93 1.08 20.55
C PHE A 229 22.93 1.08 22.07
N THR A 230 23.05 2.29 22.63
CA THR A 230 22.80 2.56 24.05
C THR A 230 21.94 3.80 24.17
N PHE A 231 20.83 3.66 24.90
CA PHE A 231 19.88 4.75 25.16
C PHE A 231 20.00 5.22 26.59
N TYR A 232 20.12 6.53 26.79
CA TYR A 232 20.17 7.12 28.12
C TYR A 232 18.78 7.65 28.49
N THR A 233 18.22 7.12 29.58
CA THR A 233 16.83 7.38 29.91
C THR A 233 16.66 8.80 30.46
N ASN A 234 15.39 9.20 30.57
CA ASN A 234 15.07 10.51 31.14
C ASN A 234 15.42 10.67 32.61
N VAL A 235 15.77 9.60 33.32
CA VAL A 235 16.24 9.74 34.70
C VAL A 235 17.75 9.48 34.84
N TRP A 236 18.47 9.47 33.71
CA TRP A 236 19.93 9.35 33.72
C TRP A 236 20.57 10.51 34.46
N LYS A 237 21.64 10.21 35.21
CA LYS A 237 22.19 11.17 36.17
C LYS A 237 22.63 12.49 35.57
N ILE A 238 23.06 12.53 34.32
CA ILE A 238 23.54 13.77 33.71
C ILE A 238 22.44 14.37 32.83
N GLU A 239 21.92 15.52 33.27
CA GLU A 239 20.70 16.11 32.72
C GLU A 239 20.78 16.28 31.21
N SER A 240 21.87 16.87 30.71
CA SER A 240 22.07 17.17 29.30
C SER A 240 22.21 15.93 28.42
N GLN A 241 22.31 14.75 29.00
CA GLN A 241 22.46 13.51 28.25
C GLN A 241 21.18 12.68 28.29
N ARG A 242 20.11 13.25 28.86
CA ARG A 242 18.84 12.55 28.94
C ARG A 242 18.26 12.31 27.55
N ASN A 243 17.68 11.13 27.37
CA ASN A 243 17.04 10.70 26.12
C ASN A 243 18.02 10.60 24.96
N VAL A 244 19.32 10.53 25.22
CA VAL A 244 20.30 10.43 24.13
C VAL A 244 20.35 8.99 23.64
N CYS A 245 20.11 8.81 22.33
CA CYS A 245 20.22 7.53 21.66
C CYS A 245 21.55 7.47 20.92
N LEU A 246 22.45 6.60 21.37
CA LEU A 246 23.79 6.50 20.81
C LEU A 246 23.82 5.31 19.86
N LEU A 247 23.98 5.59 18.56
CA LEU A 247 24.08 4.55 17.54
C LEU A 247 25.54 4.15 17.40
N LYS A 248 25.80 2.84 17.37
CA LYS A 248 27.15 2.35 17.52
C LYS A 248 27.47 1.23 16.54
N THR A 249 28.77 1.03 16.31
CA THR A 249 29.31 -0.14 15.63
C THR A 249 30.67 -0.49 16.24
N SER A 250 31.27 -1.56 15.74
CA SER A 250 32.59 -1.99 16.19
C SER A 250 33.36 -2.59 15.02
N GLU A 251 34.66 -2.83 15.24
CA GLU A 251 35.50 -3.41 14.20
C GLU A 251 35.05 -4.81 13.80
N SER A 252 34.71 -5.66 14.78
CA SER A 252 34.22 -7.00 14.52
C SER A 252 32.75 -7.05 14.14
N GLY A 253 31.99 -5.99 14.39
CA GLY A 253 30.55 -6.01 14.21
C GLY A 253 29.78 -6.40 15.44
N THR A 254 30.44 -6.90 16.46
CA THR A 254 29.90 -7.29 17.74
C THR A 254 30.44 -6.37 18.82
N PRO A 255 29.68 -6.09 19.87
CA PRO A 255 30.24 -5.30 20.98
C PRO A 255 31.43 -5.99 21.61
N SER A 256 32.50 -5.21 21.82
CA SER A 256 33.72 -5.71 22.43
C SER A 256 33.73 -5.56 23.94
N SER A 257 32.76 -4.83 24.51
CA SER A 257 32.63 -4.74 25.95
C SER A 257 31.19 -4.36 26.28
N SER A 258 30.90 -4.35 27.59
CA SER A 258 29.61 -3.93 28.12
C SER A 258 29.86 -3.44 29.54
N THR A 259 29.11 -2.43 29.96
CA THR A 259 29.34 -1.81 31.26
C THR A 259 28.00 -1.64 31.97
N PRO A 260 27.79 -2.30 33.11
CA PRO A 260 26.60 -2.01 33.91
C PRO A 260 26.55 -0.53 34.27
N GLN A 261 25.43 0.09 33.97
CA GLN A 261 25.29 1.55 34.17
C GLN A 261 23.83 1.88 34.41
N GLU A 262 23.51 2.50 35.54
CA GLU A 262 22.12 2.74 35.87
C GLU A 262 21.48 3.72 34.87
N ASN A 263 20.20 3.47 34.59
CA ASN A 263 19.39 4.27 33.67
C ASN A 263 19.99 4.36 32.26
N THR A 264 20.58 3.26 31.78
CA THR A 264 21.00 3.12 30.40
C THR A 264 20.40 1.82 29.88
N ILE A 265 20.01 1.80 28.61
CA ILE A 265 19.34 0.64 28.03
C ILE A 265 19.96 0.40 26.67
N SER A 266 20.40 -0.85 26.43
CA SER A 266 21.14 -1.18 25.22
C SER A 266 20.47 -2.31 24.47
N GLY A 267 20.82 -2.44 23.19
CA GLY A 267 20.25 -3.47 22.36
C GLY A 267 20.89 -3.46 20.99
N TYR A 268 20.30 -4.23 20.08
CA TYR A 268 20.90 -4.48 18.78
C TYR A 268 20.01 -3.94 17.66
N SER A 269 20.64 -3.68 16.51
CA SER A 269 19.89 -3.53 15.27
C SER A 269 19.11 -4.80 14.98
N LEU A 270 17.88 -4.63 14.48
CA LEU A 270 17.03 -5.75 14.12
C LEU A 270 16.95 -5.99 12.61
N LEU A 271 17.90 -5.46 11.84
CA LEU A 271 17.80 -5.60 10.38
C LEU A 271 17.99 -7.03 9.90
N THR A 272 18.62 -7.89 10.70
CA THR A 272 18.73 -9.30 10.36
C THR A 272 17.42 -10.06 10.57
N CYS A 273 16.47 -9.48 11.30
CA CYS A 273 15.25 -10.16 11.70
C CYS A 273 14.29 -10.36 10.52
N LYS A 274 13.51 -11.44 10.60
CA LYS A 274 12.51 -11.77 9.59
C LYS A 274 11.11 -11.48 10.09
N ARG A 275 10.57 -12.31 11.01
CA ARG A 275 9.19 -12.19 11.46
C ARG A 275 8.98 -10.95 12.32
N THR A 276 10.06 -10.35 12.79
CA THR A 276 10.02 -9.39 13.88
C THR A 276 10.75 -8.09 13.56
N LEU A 277 11.04 -7.84 12.28
CA LEU A 277 11.58 -6.58 11.81
C LEU A 277 10.63 -5.44 12.14
N PRO A 278 11.06 -4.41 12.85
CA PRO A 278 10.20 -3.26 13.05
C PRO A 278 10.10 -2.44 11.77
N GLU A 279 8.95 -1.83 11.55
CA GLU A 279 8.80 -0.99 10.39
C GLU A 279 9.50 0.34 10.66
N PRO A 280 9.86 1.11 9.59
CA PRO A 280 10.62 2.35 9.79
C PRO A 280 9.78 3.56 10.17
N CYS A 281 8.91 3.38 11.16
CA CYS A 281 8.12 4.47 11.73
C CYS A 281 7.82 4.13 13.18
N HIS A 282 7.55 5.17 13.96
CA HIS A 282 7.27 5.03 15.39
C HIS A 282 5.87 5.55 15.67
N SER A 283 4.96 4.64 16.06
CA SER A 283 3.55 4.95 16.15
C SER A 283 3.08 5.44 17.52
N LYS A 284 3.90 5.36 18.56
CA LYS A 284 3.36 5.61 19.89
C LYS A 284 3.18 7.10 20.16
N ILE A 285 2.09 7.45 20.85
CA ILE A 285 1.83 8.81 21.28
C ILE A 285 2.37 8.93 22.70
N TYR A 286 3.05 10.03 23.00
CA TYR A 286 3.73 10.19 24.28
C TYR A 286 3.13 11.35 25.06
N PRO A 287 2.20 11.09 25.98
CA PRO A 287 1.59 12.17 26.77
C PRO A 287 2.59 12.83 27.71
N GLY A 288 2.41 14.13 27.90
CA GLY A 288 3.21 14.88 28.84
C GLY A 288 4.56 15.32 28.32
N VAL A 289 4.77 15.29 27.00
CA VAL A 289 6.09 15.45 26.41
C VAL A 289 6.03 16.48 25.29
N ASP A 290 7.08 17.31 25.21
CA ASP A 290 7.27 18.26 24.13
C ASP A 290 8.43 17.79 23.26
N PHE A 291 8.24 17.81 21.94
CA PHE A 291 9.29 17.53 20.96
C PHE A 291 9.78 18.84 20.35
N GLY A 292 10.99 19.25 20.72
CA GLY A 292 11.58 20.44 20.13
C GLY A 292 11.92 20.25 18.66
N GLY A 293 11.81 21.33 17.90
CA GLY A 293 12.21 21.31 16.51
C GLY A 293 11.76 22.57 15.80
N GLU A 294 12.14 22.66 14.53
CA GLU A 294 11.73 23.78 13.69
C GLU A 294 10.24 23.72 13.40
N GLU A 295 9.58 24.87 13.54
CA GLU A 295 8.14 24.93 13.30
C GLU A 295 7.90 24.92 11.80
N LEU A 296 7.11 23.95 11.35
CA LEU A 296 6.73 23.85 9.95
C LEU A 296 5.36 24.48 9.74
N ASN A 297 4.46 24.25 10.68
CA ASN A 297 3.10 24.73 10.53
C ASN A 297 2.35 24.57 11.86
N VAL A 298 1.46 25.51 12.15
CA VAL A 298 0.59 25.40 13.35
C VAL A 298 -0.86 25.35 12.85
N THR A 299 -1.58 24.31 13.21
CA THR A 299 -3.01 24.17 12.83
C THR A 299 -3.82 23.85 14.08
N PHE A 300 -5.08 24.28 14.13
CA PHE A 300 -5.98 23.92 15.26
C PHE A 300 -6.75 22.66 14.90
N VAL A 301 -6.74 21.66 15.79
CA VAL A 301 -7.40 20.38 15.54
C VAL A 301 -7.98 19.85 16.85
N LYS A 302 -8.89 18.88 16.70
CA LYS A 302 -9.60 18.24 17.81
C LYS A 302 -8.95 16.91 18.15
N GLY A 303 -8.01 16.92 19.10
CA GLY A 303 -7.42 15.70 19.60
C GLY A 303 -6.11 15.33 18.90
N VAL A 304 -5.26 14.65 19.69
CA VAL A 304 -3.92 14.28 19.27
C VAL A 304 -3.92 13.42 18.01
N ASN A 305 -4.92 12.55 17.85
CA ASN A 305 -4.92 11.62 16.70
C ASN A 305 -5.02 12.34 15.36
N VAL A 306 -5.87 13.36 15.32
CA VAL A 306 -6.02 14.19 14.08
C VAL A 306 -4.72 14.97 13.89
N CYS A 307 -4.08 15.40 14.98
CA CYS A 307 -2.79 16.09 14.86
C CYS A 307 -1.74 15.20 14.20
N GLN A 308 -1.71 13.91 14.57
CA GLN A 308 -0.81 12.96 13.91
C GLN A 308 -1.17 12.79 12.44
N GLU A 309 -2.46 12.64 12.15
CA GLU A 309 -2.92 12.59 10.76
C GLU A 309 -2.43 13.81 9.99
N THR A 310 -2.50 14.99 10.61
CA THR A 310 -2.10 16.21 9.95
C THR A 310 -0.60 16.22 9.65
N CYS A 311 0.21 15.80 10.62
CA CYS A 311 1.64 15.63 10.39
C CYS A 311 1.93 14.65 9.26
N THR A 312 1.24 13.50 9.27
CA THR A 312 1.49 12.48 8.26
C THR A 312 1.19 12.98 6.86
N LYS A 313 0.13 13.77 6.70
CA LYS A 313 -0.21 14.31 5.39
C LYS A 313 0.76 15.40 4.93
N MET A 314 1.32 16.16 5.87
CA MET A 314 2.28 17.21 5.56
C MET A 314 3.63 16.53 5.39
N ILE A 315 3.99 16.24 4.14
CA ILE A 315 5.09 15.31 3.88
C ILE A 315 6.39 15.74 4.54
N ARG A 316 6.61 17.04 4.71
CA ARG A 316 7.82 17.51 5.37
C ARG A 316 7.74 17.44 6.90
N CYS A 317 6.55 17.23 7.46
CA CYS A 317 6.44 17.07 8.92
C CYS A 317 7.08 15.75 9.34
N GLN A 318 7.96 15.82 10.34
CA GLN A 318 8.61 14.64 10.89
C GLN A 318 7.99 14.19 12.20
N PHE A 319 7.56 15.12 13.04
CA PHE A 319 7.01 14.82 14.35
C PHE A 319 6.22 16.04 14.81
N PHE A 320 5.47 15.86 15.89
CA PHE A 320 4.49 16.87 16.27
C PHE A 320 4.37 16.96 17.78
N THR A 321 3.73 18.05 18.23
CA THR A 321 3.30 18.18 19.62
C THR A 321 1.92 18.82 19.60
N TYR A 322 0.97 18.15 20.23
CA TYR A 322 -0.40 18.63 20.36
C TYR A 322 -0.55 19.18 21.77
N SER A 323 -0.67 20.49 21.90
CA SER A 323 -0.66 21.15 23.21
C SER A 323 -2.07 21.29 23.75
N LEU A 324 -2.21 21.13 25.07
CA LEU A 324 -3.44 21.39 25.77
C LEU A 324 -3.31 22.59 26.70
N LEU A 325 -2.20 23.31 26.62
CA LEU A 325 -2.04 24.52 27.42
C LEU A 325 -3.20 25.46 27.12
N PRO A 326 -3.73 26.14 28.13
CA PRO A 326 -4.85 27.06 27.87
C PRO A 326 -4.53 28.10 26.82
N GLU A 327 -3.29 28.60 26.81
CA GLU A 327 -2.90 29.60 25.82
C GLU A 327 -2.86 29.03 24.41
N ASP A 328 -2.91 27.71 24.28
CA ASP A 328 -2.89 27.08 22.97
C ASP A 328 -4.23 26.46 22.57
N CYS A 329 -5.31 26.80 23.26
CA CYS A 329 -6.61 26.23 22.97
C CYS A 329 -7.67 27.31 22.88
N LYS A 330 -8.73 27.00 22.15
CA LYS A 330 -9.86 27.93 21.98
C LYS A 330 -11.12 27.08 21.91
N ALA A 331 -12.17 27.61 21.31
CA ALA A 331 -13.48 26.94 21.33
C ALA A 331 -13.41 25.67 20.47
N GLU A 332 -13.26 24.53 21.14
CA GLU A 332 -13.33 23.20 20.52
C GLU A 332 -12.19 22.92 19.55
N ALA A 333 -11.01 23.43 19.84
CA ALA A 333 -9.80 23.02 19.13
C ALA A 333 -8.58 23.54 19.87
N CYS A 334 -7.51 22.75 19.82
CA CYS A 334 -6.21 23.12 20.35
C CYS A 334 -5.18 23.04 19.22
N LYS A 335 -4.06 23.75 19.37
CA LYS A 335 -3.06 23.82 18.30
C LYS A 335 -2.13 22.62 18.24
N CYS A 336 -1.88 22.20 17.00
CA CYS A 336 -1.03 21.07 16.62
C CYS A 336 0.22 21.65 15.98
N PHE A 337 1.36 21.53 16.66
CA PHE A 337 2.62 22.06 16.16
C PHE A 337 3.30 21.01 15.29
N LEU A 338 3.41 21.30 13.99
CA LEU A 338 4.07 20.40 13.05
C LEU A 338 5.54 20.81 12.96
N ARG A 339 6.43 19.85 13.13
CA ARG A 339 7.85 20.17 13.26
C ARG A 339 8.73 19.21 12.48
N LEU A 340 9.99 19.62 12.35
CA LEU A 340 11.01 18.83 11.62
C LEU A 340 12.39 19.23 12.13
N SER A 341 13.37 18.37 11.99
CA SER A 341 14.76 18.67 12.33
C SER A 341 15.66 18.22 11.19
N MET A 342 16.97 18.37 11.41
CA MET A 342 17.94 17.90 10.42
C MET A 342 17.96 16.39 10.28
N ASP A 343 17.67 15.65 11.36
CA ASP A 343 17.88 14.22 11.38
C ASP A 343 16.61 13.39 11.56
N GLY A 344 15.44 14.03 11.59
CA GLY A 344 14.19 13.31 11.77
C GLY A 344 13.76 13.12 13.21
N SER A 345 14.57 13.53 14.18
CA SER A 345 14.29 13.33 15.59
C SER A 345 14.20 14.67 16.31
N PRO A 346 13.54 14.70 17.48
CA PRO A 346 13.43 15.98 18.21
C PRO A 346 14.77 16.54 18.63
N THR A 347 14.85 17.88 18.66
CA THR A 347 16.03 18.58 19.14
C THR A 347 16.03 18.69 20.65
N ARG A 348 14.87 18.45 21.28
CA ARG A 348 14.72 18.40 22.72
C ARG A 348 13.46 17.63 23.04
N ILE A 349 13.53 16.86 24.11
CA ILE A 349 12.40 16.08 24.60
C ILE A 349 12.19 16.52 26.04
N ALA A 350 11.11 17.26 26.28
CA ALA A 350 10.88 17.88 27.57
C ALA A 350 9.67 17.23 28.24
N TYR A 351 9.84 16.86 29.49
CA TYR A 351 8.81 16.16 30.24
C TYR A 351 8.03 17.11 31.14
N GLY A 352 6.93 16.61 31.67
CA GLY A 352 6.07 17.37 32.57
C GLY A 352 5.40 18.54 31.89
N THR A 353 4.82 18.31 30.73
CA THR A 353 4.17 19.34 29.92
C THR A 353 2.74 18.96 29.67
N GLN A 354 1.95 19.91 29.18
CA GLN A 354 0.55 19.66 28.88
C GLN A 354 0.37 19.46 27.39
N GLY A 355 1.08 18.46 26.88
CA GLY A 355 1.21 18.25 25.46
C GLY A 355 1.53 16.80 25.19
N SER A 356 1.06 16.33 24.04
CA SER A 356 1.28 14.96 23.63
C SER A 356 2.04 14.96 22.32
N SER A 357 3.14 14.22 22.27
CA SER A 357 4.00 14.23 21.10
C SER A 357 3.97 12.88 20.39
N GLY A 358 4.33 12.91 19.12
CA GLY A 358 4.43 11.68 18.33
C GLY A 358 5.19 11.96 17.05
N TYR A 359 5.15 10.98 16.14
CA TYR A 359 5.88 11.05 14.89
C TYR A 359 4.93 11.00 13.70
N SER A 360 5.39 11.53 12.58
CA SER A 360 4.76 11.27 11.30
C SER A 360 4.76 9.78 11.01
N LEU A 361 3.68 9.30 10.39
CA LEU A 361 3.61 7.94 9.88
C LEU A 361 3.91 7.88 8.38
N ARG A 362 4.59 8.88 7.83
CA ARG A 362 4.87 8.95 6.37
C ARG A 362 5.66 7.72 5.89
N LEU A 363 6.48 7.14 6.75
CA LEU A 363 7.28 6.00 6.34
C LEU A 363 6.74 4.64 6.77
N CYS A 364 5.62 4.57 7.49
CA CYS A 364 5.05 3.28 7.82
C CYS A 364 4.76 2.51 6.53
N ASN A 365 5.20 1.24 6.48
CA ASN A 365 5.01 0.40 5.31
C ASN A 365 4.24 -0.87 5.68
N THR A 366 3.57 -0.84 6.83
CA THR A 366 2.71 -1.97 7.22
C THR A 366 1.39 -1.42 7.72
N GLY A 367 0.37 -2.27 7.77
CA GLY A 367 -0.94 -1.91 8.26
C GLY A 367 -1.83 -1.19 7.27
N GLY B 9 -9.28 4.28 -24.96
CA GLY B 9 -8.65 4.18 -23.66
C GLY B 9 -9.59 4.47 -22.50
N CYS B 10 -9.11 5.31 -21.58
CA CYS B 10 -9.87 5.78 -20.42
C CYS B 10 -10.88 6.83 -20.88
N LEU B 11 -12.18 6.55 -20.71
CA LEU B 11 -13.28 7.44 -21.11
C LEU B 11 -14.10 7.86 -19.86
N THR B 12 -13.68 9.01 -19.25
CA THR B 12 -14.40 9.68 -18.10
C THR B 12 -15.58 10.44 -18.66
N GLN B 13 -15.81 10.45 -19.96
CA GLN B 13 -16.90 11.20 -20.64
C GLN B 13 -18.28 10.73 -20.19
N LEU B 14 -19.06 11.62 -19.60
CA LEU B 14 -20.47 11.32 -19.31
C LEU B 14 -21.47 11.89 -20.33
N TYR B 15 -22.70 11.34 -20.31
CA TYR B 15 -23.72 11.64 -21.32
C TYR B 15 -25.03 12.04 -20.64
N GLU B 16 -25.39 13.32 -20.72
CA GLU B 16 -26.60 13.78 -20.05
C GLU B 16 -27.86 13.47 -20.85
N ASN B 17 -28.96 13.26 -20.12
CA ASN B 17 -30.28 12.96 -20.69
C ASN B 17 -30.24 11.73 -21.61
N ALA B 18 -29.43 10.74 -21.27
CA ALA B 18 -29.24 9.57 -22.11
C ALA B 18 -29.39 8.28 -21.29
N PHE B 19 -30.06 7.29 -21.88
CA PHE B 19 -30.19 5.97 -21.28
C PHE B 19 -29.87 4.90 -22.31
N PHE B 20 -28.92 4.02 -21.98
CA PHE B 20 -28.54 2.94 -22.87
C PHE B 20 -29.59 1.83 -22.84
N ARG B 21 -29.79 1.19 -23.98
CA ARG B 21 -30.79 0.14 -24.12
C ARG B 21 -30.11 -1.21 -24.29
N GLY B 22 -30.49 -2.16 -23.44
CA GLY B 22 -29.96 -3.51 -23.48
C GLY B 22 -28.56 -3.65 -22.89
N GLY B 23 -27.95 -4.80 -23.18
CA GLY B 23 -26.67 -5.20 -22.66
C GLY B 23 -26.59 -5.39 -21.16
N ASP B 24 -27.73 -5.52 -20.47
CA ASP B 24 -27.74 -5.47 -19.01
C ASP B 24 -27.07 -6.69 -18.41
N VAL B 25 -26.14 -6.45 -17.48
CA VAL B 25 -25.49 -7.51 -16.74
C VAL B 25 -25.84 -7.51 -15.26
N ALA B 26 -26.23 -6.36 -14.71
CA ALA B 26 -26.53 -6.25 -13.29
C ALA B 26 -27.22 -4.92 -13.04
N SER B 27 -28.07 -4.88 -12.01
CA SER B 27 -28.67 -3.63 -11.57
C SER B 27 -28.73 -3.58 -10.05
N MET B 28 -28.92 -2.37 -9.54
CA MET B 28 -28.84 -2.08 -8.12
C MET B 28 -29.30 -0.64 -7.92
N TYR B 29 -29.40 -0.24 -6.66
CA TYR B 29 -29.67 1.15 -6.30
C TYR B 29 -28.38 1.83 -5.88
N THR B 30 -28.17 3.06 -6.36
CA THR B 30 -27.05 3.89 -5.94
C THR B 30 -27.53 5.32 -5.74
N PRO B 31 -26.86 6.09 -4.87
CA PRO B 31 -27.31 7.46 -4.58
C PRO B 31 -27.04 8.44 -5.70
N ASN B 32 -26.00 8.20 -6.50
CA ASN B 32 -25.76 9.04 -7.67
C ASN B 32 -25.09 8.21 -8.77
N ALA B 33 -24.84 8.87 -9.90
CA ALA B 33 -24.22 8.23 -11.06
C ALA B 33 -22.75 7.96 -10.83
N GLN B 34 -22.09 8.79 -10.02
CA GLN B 34 -20.67 8.57 -9.74
C GLN B 34 -20.46 7.26 -9.01
N TYR B 35 -21.34 6.93 -8.06
CA TYR B 35 -21.26 5.63 -7.41
C TYR B 35 -21.59 4.51 -8.38
N CYS B 36 -22.64 4.69 -9.18
CA CYS B 36 -22.99 3.70 -10.20
C CYS B 36 -21.81 3.40 -11.11
N GLN B 37 -21.13 4.46 -11.55
CA GLN B 37 -19.95 4.29 -12.40
C GLN B 37 -18.83 3.55 -11.67
N MET B 38 -18.67 3.78 -10.37
CA MET B 38 -17.65 3.06 -9.61
C MET B 38 -17.94 1.58 -9.61
N ARG B 39 -19.20 1.20 -9.42
CA ARG B 39 -19.59 -0.20 -9.45
C ARG B 39 -19.40 -0.81 -10.84
N CYS B 40 -19.70 -0.05 -11.89
CA CYS B 40 -19.36 -0.47 -13.25
C CYS B 40 -17.87 -0.76 -13.40
N THR B 41 -17.02 0.15 -12.92
CA THR B 41 -15.58 -0.02 -13.01
C THR B 41 -15.13 -1.34 -12.38
N PHE B 42 -15.65 -1.67 -11.21
CA PHE B 42 -15.23 -2.88 -10.52
C PHE B 42 -16.01 -4.13 -10.90
N HIS B 43 -17.11 -4.01 -11.64
CA HIS B 43 -17.80 -5.18 -12.15
C HIS B 43 -17.01 -5.78 -13.31
N PRO B 44 -16.69 -7.08 -13.27
CA PRO B 44 -15.79 -7.64 -14.30
C PRO B 44 -16.26 -7.45 -15.74
N ARG B 45 -17.58 -7.47 -15.99
CA ARG B 45 -18.08 -7.34 -17.34
C ARG B 45 -18.57 -5.94 -17.73
N CYS B 46 -18.80 -5.04 -16.78
CA CYS B 46 -19.38 -3.74 -17.09
C CYS B 46 -18.45 -2.86 -17.91
N LEU B 47 -18.99 -2.30 -19.00
CA LEU B 47 -18.33 -1.31 -19.83
C LEU B 47 -19.09 0.00 -19.84
N LEU B 48 -20.42 -0.06 -19.79
CA LEU B 48 -21.28 1.11 -19.88
C LEU B 48 -22.30 1.05 -18.76
N PHE B 49 -22.76 2.21 -18.32
CA PHE B 49 -23.79 2.27 -17.29
C PHE B 49 -24.80 3.36 -17.64
N SER B 50 -26.01 3.19 -17.10
CA SER B 50 -27.01 4.25 -17.11
C SER B 50 -27.60 4.37 -15.71
N PHE B 51 -27.83 5.61 -15.27
CA PHE B 51 -28.34 5.89 -13.94
C PHE B 51 -29.55 6.79 -14.02
N LEU B 52 -30.50 6.60 -13.08
CA LEU B 52 -31.72 7.39 -13.04
C LEU B 52 -31.83 8.13 -11.72
N PRO B 53 -31.64 9.46 -11.67
CA PRO B 53 -31.89 10.20 -10.44
C PRO B 53 -33.37 10.24 -10.10
N ALA B 54 -33.66 10.63 -8.86
CA ALA B 54 -35.03 10.70 -8.36
C ALA B 54 -35.99 11.44 -9.28
N SER B 55 -35.56 12.59 -9.80
CA SER B 55 -36.37 13.41 -10.69
C SER B 55 -36.57 12.81 -12.08
N SER B 56 -35.66 11.93 -12.54
CA SER B 56 -35.63 11.50 -13.94
C SER B 56 -36.67 10.45 -14.24
N ILE B 57 -37.27 9.85 -13.22
CA ILE B 57 -38.21 8.77 -13.48
C ILE B 57 -39.23 8.86 -12.37
N ASN B 58 -40.35 8.15 -12.56
CA ASN B 58 -41.68 8.36 -12.00
C ASN B 58 -42.10 7.07 -11.30
N ASP B 59 -41.93 5.96 -12.04
CA ASP B 59 -42.01 4.63 -11.47
C ASP B 59 -41.14 4.70 -10.23
N MET B 60 -41.78 4.58 -9.06
CA MET B 60 -41.11 4.78 -7.79
C MET B 60 -39.93 3.83 -7.61
N GLU B 61 -40.09 2.57 -8.02
CA GLU B 61 -39.10 1.54 -7.75
C GLU B 61 -37.91 1.59 -8.70
N LYS B 62 -37.91 2.51 -9.66
CA LYS B 62 -36.79 2.69 -10.58
C LYS B 62 -35.96 3.92 -10.27
N ARG B 63 -36.42 4.79 -9.36
CA ARG B 63 -35.59 5.90 -8.92
C ARG B 63 -34.32 5.39 -8.23
N PHE B 64 -33.21 6.07 -8.51
CA PHE B 64 -31.87 5.67 -8.07
C PHE B 64 -31.44 4.36 -8.71
N GLY B 65 -32.08 3.97 -9.81
CA GLY B 65 -31.73 2.73 -10.47
C GLY B 65 -30.39 2.84 -11.20
N CYS B 66 -29.51 1.88 -10.96
CA CYS B 66 -28.18 1.85 -11.55
C CYS B 66 -28.07 0.59 -12.39
N PHE B 67 -27.85 0.77 -13.70
CA PHE B 67 -27.93 -0.33 -14.65
C PHE B 67 -26.57 -0.54 -15.30
N LEU B 68 -25.93 -1.66 -14.99
CA LEU B 68 -24.60 -2.00 -15.49
C LEU B 68 -24.74 -2.83 -16.76
N LYS B 69 -23.88 -2.59 -17.74
CA LYS B 69 -24.09 -3.09 -19.09
C LYS B 69 -22.78 -3.49 -19.76
N ASP B 70 -22.88 -4.46 -20.68
CA ASP B 70 -21.79 -4.95 -21.50
C ASP B 70 -22.22 -4.94 -22.96
N SER B 71 -21.23 -4.92 -23.86
CA SER B 71 -21.51 -5.06 -25.30
C SER B 71 -20.22 -5.43 -26.02
N VAL B 72 -20.34 -6.31 -27.02
CA VAL B 72 -19.16 -6.76 -27.76
C VAL B 72 -18.58 -5.62 -28.59
N THR B 73 -19.39 -4.60 -28.90
CA THR B 73 -18.90 -3.45 -29.66
C THR B 73 -18.41 -2.33 -28.75
N GLY B 74 -18.59 -2.46 -27.44
CA GLY B 74 -18.40 -1.30 -26.58
C GLY B 74 -19.38 -0.18 -26.83
N THR B 75 -20.45 -0.44 -27.59
CA THR B 75 -21.45 0.58 -27.88
C THR B 75 -22.83 -0.04 -27.74
N LEU B 76 -23.83 0.80 -27.47
CA LEU B 76 -25.19 0.33 -27.27
C LEU B 76 -26.15 1.36 -27.83
N PRO B 77 -27.37 0.97 -28.17
CA PRO B 77 -28.38 1.97 -28.53
C PRO B 77 -28.69 2.80 -27.29
N LYS B 78 -29.08 4.05 -27.51
CA LYS B 78 -29.44 4.91 -26.40
C LYS B 78 -30.59 5.82 -26.78
N VAL B 79 -31.40 6.15 -25.79
CA VAL B 79 -32.55 7.02 -25.98
C VAL B 79 -32.34 8.30 -25.19
N HIS B 80 -32.97 9.37 -25.65
CA HIS B 80 -33.01 10.59 -24.86
C HIS B 80 -33.97 10.38 -23.70
N ARG B 81 -33.42 10.58 -22.57
CA ARG B 81 -34.39 10.68 -21.46
C ARG B 81 -33.96 11.85 -20.58
N THR B 82 -34.79 12.75 -20.13
CA THR B 82 -34.38 13.93 -19.38
C THR B 82 -33.98 13.56 -17.96
N GLY B 83 -32.79 14.01 -17.57
CA GLY B 83 -32.25 13.77 -16.26
C GLY B 83 -31.46 12.49 -16.10
N ALA B 84 -31.57 11.55 -17.06
CA ALA B 84 -30.80 10.32 -16.95
C ALA B 84 -29.33 10.57 -17.27
N VAL B 85 -28.46 9.80 -16.63
CA VAL B 85 -27.02 9.93 -16.81
C VAL B 85 -26.46 8.58 -17.24
N SER B 86 -25.64 8.60 -18.29
CA SER B 86 -24.98 7.40 -18.79
C SER B 86 -23.51 7.70 -18.99
N GLY B 87 -22.71 6.64 -19.04
CA GLY B 87 -21.30 6.82 -19.22
C GLY B 87 -20.58 5.48 -19.29
N HIS B 88 -19.27 5.53 -19.11
CA HIS B 88 -18.44 4.34 -19.20
C HIS B 88 -17.91 3.92 -17.84
N SER B 89 -17.37 2.71 -17.81
CA SER B 89 -16.53 2.30 -16.71
C SER B 89 -15.24 3.09 -16.76
N LEU B 90 -14.54 3.16 -15.63
CA LEU B 90 -13.20 3.72 -15.57
C LEU B 90 -12.12 2.66 -15.68
N LYS B 91 -12.46 1.50 -16.22
CA LYS B 91 -11.44 0.56 -16.68
C LYS B 91 -10.45 1.27 -17.60
N GLN B 92 -9.16 0.97 -17.41
CA GLN B 92 -8.02 1.51 -18.13
C GLN B 92 -7.72 2.95 -17.73
N CYS B 93 -8.27 3.44 -16.62
CA CYS B 93 -8.05 4.81 -16.18
C CYS B 93 -7.02 4.93 -15.07
N GLY B 94 -6.26 3.86 -14.83
CA GLY B 94 -5.18 3.93 -13.87
C GLY B 94 -5.56 4.54 -12.53
N HIS B 95 -4.79 5.55 -12.12
CA HIS B 95 -4.96 6.22 -10.84
C HIS B 95 -6.35 6.78 -10.55
N GLN B 96 -7.20 6.93 -11.58
CA GLN B 96 -8.56 7.37 -11.34
C GLN B 96 -9.47 6.25 -10.81
N ILE B 97 -9.05 4.99 -10.87
CA ILE B 97 -9.83 3.90 -10.33
C ILE B 97 -9.76 3.91 -8.80
N SER B 98 -10.91 4.06 -8.15
CA SER B 98 -10.95 4.04 -6.68
C SER B 98 -12.28 3.50 -6.20
N ALA B 99 -12.24 2.69 -5.14
CA ALA B 99 -13.44 2.26 -4.45
C ALA B 99 -13.90 3.22 -3.35
N CYS B 100 -13.19 4.33 -3.16
CA CYS B 100 -13.45 5.24 -2.04
C CYS B 100 -14.50 6.26 -2.44
N HIS B 101 -15.54 6.37 -1.61
CA HIS B 101 -16.64 7.30 -1.86
C HIS B 101 -17.00 8.00 -0.55
N ARG B 102 -16.62 9.27 -0.44
CA ARG B 102 -16.74 10.03 0.80
C ARG B 102 -18.09 10.71 0.94
N ASP B 103 -18.82 10.89 -0.16
CA ASP B 103 -19.98 11.77 -0.17
C ASP B 103 -21.01 11.36 0.88
N ILE B 104 -21.53 12.35 1.59
CA ILE B 104 -22.71 12.21 2.45
C ILE B 104 -23.91 12.73 1.67
N TYR B 105 -25.03 12.02 1.76
CA TYR B 105 -26.19 12.30 0.94
C TYR B 105 -27.32 12.85 1.81
N LYS B 106 -27.65 14.12 1.62
CA LYS B 106 -28.61 14.81 2.47
C LYS B 106 -30.01 14.66 1.91
N GLY B 107 -30.96 14.37 2.79
CA GLY B 107 -32.33 14.16 2.37
C GLY B 107 -32.59 12.78 1.82
N VAL B 108 -31.78 11.79 2.18
CA VAL B 108 -31.82 10.47 1.57
C VAL B 108 -31.67 9.39 2.64
N ASP B 109 -32.52 8.36 2.58
CA ASP B 109 -32.41 7.17 3.40
C ASP B 109 -32.02 5.99 2.51
N MET B 110 -30.75 5.58 2.60
CA MET B 110 -30.27 4.37 1.94
C MET B 110 -30.61 3.16 2.80
N ARG B 111 -31.56 2.34 2.35
CA ARG B 111 -32.09 1.25 3.14
C ARG B 111 -31.25 -0.01 3.01
N GLY B 112 -31.22 -0.79 4.08
CA GLY B 112 -30.55 -2.07 4.08
C GLY B 112 -30.95 -2.87 5.30
N VAL B 113 -30.12 -3.84 5.66
CA VAL B 113 -30.34 -4.61 6.89
C VAL B 113 -29.72 -3.83 8.05
N ASN B 114 -30.58 -3.36 8.96
CA ASN B 114 -30.11 -2.64 10.13
C ASN B 114 -29.62 -3.63 11.18
N PHE B 115 -28.37 -3.49 11.60
CA PHE B 115 -27.83 -4.33 12.65
C PHE B 115 -27.36 -3.56 13.86
N ASN B 116 -27.36 -2.23 13.83
CA ASN B 116 -26.97 -1.42 14.97
C ASN B 116 -27.62 -0.04 14.94
N VAL B 117 -28.14 0.39 16.09
CA VAL B 117 -28.65 1.74 16.26
C VAL B 117 -28.04 2.36 17.52
N SER B 118 -27.74 3.65 17.46
CA SER B 118 -27.35 4.41 18.64
C SER B 118 -27.63 5.88 18.38
N LYS B 119 -27.54 6.67 19.45
CA LYS B 119 -27.68 8.11 19.34
C LYS B 119 -26.31 8.75 19.25
N VAL B 120 -26.19 9.68 18.33
CA VAL B 120 -24.87 10.33 18.09
C VAL B 120 -25.11 11.82 17.92
N SER B 121 -24.04 12.58 17.98
CA SER B 121 -24.16 14.03 18.01
C SER B 121 -24.09 14.69 16.63
N SER B 122 -23.54 14.02 15.62
CA SER B 122 -23.51 14.58 14.28
C SER B 122 -23.44 13.46 13.26
N VAL B 123 -23.65 13.82 11.99
CA VAL B 123 -23.58 12.84 10.92
C VAL B 123 -22.18 12.26 10.78
N GLU B 124 -21.13 13.09 10.97
CA GLU B 124 -19.79 12.55 10.76
C GLU B 124 -19.41 11.58 11.88
N GLU B 125 -20.03 11.73 13.05
CA GLU B 125 -19.86 10.73 14.10
C GLU B 125 -20.52 9.41 13.71
N CYS B 126 -21.66 9.48 13.00
CA CYS B 126 -22.27 8.28 12.44
C CYS B 126 -21.39 7.64 11.39
N GLN B 127 -20.88 8.44 10.44
CA GLN B 127 -19.96 7.90 9.44
C GLN B 127 -18.76 7.22 10.08
N LYS B 128 -18.28 7.76 11.19
CA LYS B 128 -17.13 7.16 11.86
C LYS B 128 -17.49 5.83 12.49
N ARG B 129 -18.63 5.75 13.18
CA ARG B 129 -19.12 4.48 13.70
C ARG B 129 -19.22 3.42 12.61
N CYS B 130 -19.80 3.78 11.46
CA CYS B 130 -19.89 2.84 10.36
C CYS B 130 -18.50 2.41 9.91
N THR B 131 -17.62 3.39 9.72
CA THR B 131 -16.27 3.13 9.22
C THR B 131 -15.49 2.18 10.13
N ASN B 132 -15.68 2.27 11.44
CA ASN B 132 -14.97 1.42 12.39
C ASN B 132 -15.75 0.18 12.81
N ASN B 133 -16.87 -0.13 12.16
CA ASN B 133 -17.53 -1.43 12.30
C ASN B 133 -17.31 -2.22 11.03
N ILE B 134 -16.69 -3.41 11.17
CA ILE B 134 -16.30 -4.20 10.01
C ILE B 134 -17.52 -4.58 9.15
N ARG B 135 -18.67 -4.79 9.78
CA ARG B 135 -19.85 -5.20 9.05
C ARG B 135 -20.57 -4.05 8.34
N CYS B 136 -20.28 -2.80 8.70
CA CYS B 136 -21.05 -1.68 8.18
C CYS B 136 -20.57 -1.30 6.78
N GLN B 137 -21.49 -1.32 5.82
CA GLN B 137 -21.23 -0.85 4.47
C GLN B 137 -21.80 0.53 4.19
N PHE B 138 -22.89 0.91 4.86
CA PHE B 138 -23.46 2.24 4.72
C PHE B 138 -24.33 2.54 5.92
N PHE B 139 -24.69 3.82 6.08
CA PHE B 139 -25.39 4.28 7.26
C PHE B 139 -26.47 5.28 6.90
N SER B 140 -27.39 5.49 7.84
CA SER B 140 -28.35 6.57 7.79
C SER B 140 -28.43 7.24 9.15
N TYR B 141 -28.50 8.57 9.13
CA TYR B 141 -28.50 9.39 10.34
C TYR B 141 -29.65 10.37 10.27
N ALA B 142 -30.47 10.41 11.32
CA ALA B 142 -31.55 11.39 11.43
C ALA B 142 -31.04 12.58 12.23
N THR B 143 -31.19 13.78 11.68
CA THR B 143 -30.71 14.97 12.35
C THR B 143 -31.63 15.38 13.49
N GLN B 144 -31.17 16.41 14.21
CA GLN B 144 -31.94 17.04 15.27
C GLN B 144 -33.21 17.68 14.76
N THR B 145 -33.32 17.89 13.45
CA THR B 145 -34.53 18.44 12.87
C THR B 145 -35.59 17.39 12.54
N PHE B 146 -35.21 16.10 12.52
CA PHE B 146 -36.11 15.05 12.05
C PHE B 146 -37.47 15.13 12.72
N HIS B 147 -38.51 14.95 11.90
CA HIS B 147 -39.88 15.21 12.34
C HIS B 147 -40.30 14.38 13.55
N LYS B 148 -39.93 13.10 13.58
CA LYS B 148 -40.31 12.22 14.68
C LYS B 148 -39.26 12.27 15.79
N ALA B 149 -39.70 12.62 17.00
CA ALA B 149 -38.79 12.91 18.09
C ALA B 149 -38.01 11.69 18.54
N GLU B 150 -38.64 10.52 18.52
CA GLU B 150 -38.00 9.33 19.07
C GLU B 150 -36.77 8.90 18.27
N TYR B 151 -36.73 9.22 16.98
CA TYR B 151 -35.65 8.86 16.07
C TYR B 151 -34.55 9.92 15.96
N ARG B 152 -34.73 11.10 16.57
CA ARG B 152 -33.77 12.18 16.41
C ARG B 152 -32.37 11.80 16.91
N ASN B 153 -31.36 12.07 16.08
CA ASN B 153 -29.93 11.78 16.29
C ASN B 153 -29.59 10.30 16.21
N ASN B 154 -30.54 9.44 15.83
CA ASN B 154 -30.24 8.02 15.66
C ASN B 154 -29.29 7.78 14.49
N CYS B 155 -28.32 6.91 14.72
CA CYS B 155 -27.35 6.47 13.72
C CYS B 155 -27.60 4.99 13.44
N LEU B 156 -28.00 4.67 12.20
CA LEU B 156 -28.28 3.30 11.79
C LEU B 156 -27.12 2.75 10.96
N LEU B 157 -26.54 1.63 11.41
CA LEU B 157 -25.51 0.93 10.65
C LEU B 157 -26.13 -0.22 9.85
N LYS B 158 -25.70 -0.36 8.60
CA LYS B 158 -26.40 -1.23 7.66
C LYS B 158 -25.42 -2.03 6.79
N TYR B 159 -25.87 -3.18 6.30
CA TYR B 159 -25.24 -3.89 5.20
C TYR B 159 -26.33 -4.47 4.30
N SER B 160 -25.93 -5.03 3.17
CA SER B 160 -26.89 -5.56 2.21
C SER B 160 -26.13 -6.43 1.19
N PRO B 161 -26.84 -7.34 0.50
CA PRO B 161 -26.24 -8.06 -0.63
C PRO B 161 -25.65 -7.11 -1.67
N GLY B 162 -24.37 -7.35 -2.01
CA GLY B 162 -23.61 -6.49 -2.89
C GLY B 162 -23.23 -5.14 -2.33
N GLY B 163 -23.55 -4.85 -1.06
CA GLY B 163 -23.21 -3.57 -0.47
C GLY B 163 -23.92 -2.36 -1.05
N THR B 164 -24.96 -2.55 -1.87
CA THR B 164 -25.75 -1.41 -2.28
C THR B 164 -27.11 -1.43 -1.60
N PRO B 165 -27.72 -0.26 -1.38
CA PRO B 165 -28.99 -0.22 -0.65
C PRO B 165 -30.12 -0.94 -1.37
N THR B 166 -30.95 -1.65 -0.59
CA THR B 166 -32.09 -2.39 -1.12
C THR B 166 -33.22 -1.46 -1.57
N ALA B 167 -33.27 -0.25 -1.06
CA ALA B 167 -34.09 0.85 -1.55
C ALA B 167 -33.42 2.14 -1.10
N ILE B 168 -33.67 3.22 -1.84
CA ILE B 168 -33.26 4.55 -1.41
C ILE B 168 -34.50 5.43 -1.36
N LYS B 169 -34.76 6.00 -0.19
CA LYS B 169 -35.94 6.82 0.05
C LYS B 169 -35.53 8.27 0.22
N VAL B 170 -36.32 9.15 -0.40
CA VAL B 170 -36.18 10.59 -0.21
C VAL B 170 -36.87 10.98 1.09
N LEU B 171 -36.13 11.63 2.00
CA LEU B 171 -36.63 11.88 3.35
C LEU B 171 -35.94 13.10 3.91
N SER B 172 -36.71 14.12 4.30
CA SER B 172 -36.13 15.31 4.91
C SER B 172 -35.43 14.96 6.23
N ASN B 173 -34.31 15.63 6.47
CA ASN B 173 -33.60 15.58 7.75
C ASN B 173 -33.04 14.20 8.06
N VAL B 174 -32.82 13.37 7.04
CA VAL B 174 -32.05 12.14 7.13
C VAL B 174 -30.86 12.27 6.19
N GLU B 175 -29.69 11.82 6.64
CA GLU B 175 -28.46 11.88 5.87
C GLU B 175 -27.81 10.49 5.80
N SER B 176 -27.40 10.08 4.59
CA SER B 176 -26.81 8.77 4.39
C SER B 176 -25.42 8.88 3.75
N GLY B 177 -24.65 7.80 3.90
CA GLY B 177 -23.33 7.69 3.27
C GLY B 177 -22.82 6.28 3.43
N PHE B 178 -21.67 6.03 2.80
CA PHE B 178 -21.04 4.72 2.80
C PHE B 178 -19.90 4.69 3.82
N SER B 179 -19.51 3.47 4.19
CA SER B 179 -18.30 3.29 4.99
C SER B 179 -17.10 3.90 4.29
N LEU B 180 -16.19 4.48 5.09
CA LEU B 180 -14.93 5.00 4.58
C LEU B 180 -13.78 4.02 4.77
N LYS B 181 -14.09 2.76 5.14
CA LYS B 181 -13.11 1.67 5.08
C LYS B 181 -12.36 1.61 3.75
N PRO B 182 -12.99 1.69 2.59
CA PRO B 182 -12.22 1.68 1.34
C PRO B 182 -11.51 3.00 1.05
N CYS B 183 -11.62 3.98 1.95
CA CYS B 183 -10.85 5.21 1.89
C CYS B 183 -9.65 5.19 2.85
N ALA B 184 -9.31 4.01 3.37
CA ALA B 184 -8.15 3.81 4.26
C ALA B 184 -8.27 4.63 5.54
N LEU B 185 -9.49 4.84 6.01
CA LEU B 185 -9.71 5.62 7.22
C LEU B 185 -10.25 4.80 8.38
N SER B 186 -10.33 3.48 8.24
CA SER B 186 -10.83 2.65 9.33
C SER B 186 -9.76 2.43 10.39
N GLU B 187 -10.20 2.36 11.64
CA GLU B 187 -9.33 1.97 12.73
C GLU B 187 -9.42 0.47 13.00
N ILE B 188 -10.18 -0.26 12.17
CA ILE B 188 -10.16 -1.71 12.22
C ILE B 188 -8.79 -2.16 11.77
N GLY B 189 -8.30 -3.24 12.36
CA GLY B 189 -6.96 -3.70 12.04
C GLY B 189 -6.85 -4.30 10.64
N CYS B 190 -5.61 -4.34 10.18
CA CYS B 190 -5.22 -4.91 8.89
C CYS B 190 -4.52 -6.23 9.16
N HIS B 191 -5.04 -7.33 8.62
CA HIS B 191 -4.56 -8.68 8.93
C HIS B 191 -3.98 -9.37 7.69
N MET B 192 -2.65 -9.38 7.60
CA MET B 192 -1.90 -9.94 6.48
C MET B 192 -1.70 -11.45 6.58
N ASN B 193 -2.23 -12.10 7.61
CA ASN B 193 -1.95 -13.51 7.83
C ASN B 193 -2.43 -14.36 6.66
N ILE B 194 -1.58 -15.30 6.26
CA ILE B 194 -1.94 -16.39 5.37
C ILE B 194 -1.79 -17.66 6.19
N PHE B 195 -2.90 -18.35 6.44
CA PHE B 195 -2.88 -19.55 7.28
C PHE B 195 -2.78 -20.81 6.41
N GLN B 196 -1.61 -21.44 6.44
CA GLN B 196 -1.40 -22.74 5.82
C GLN B 196 -2.25 -23.82 6.47
N HIS B 197 -2.78 -24.72 5.63
CA HIS B 197 -3.45 -25.93 6.09
C HIS B 197 -4.55 -25.60 7.10
N LEU B 198 -5.39 -24.64 6.76
CA LEU B 198 -6.38 -24.11 7.69
C LEU B 198 -7.60 -23.65 6.91
N ALA B 199 -8.78 -24.10 7.33
CA ALA B 199 -10.03 -23.75 6.67
C ALA B 199 -10.91 -22.89 7.58
N PHE B 200 -11.59 -21.91 6.98
CA PHE B 200 -12.70 -21.19 7.60
C PHE B 200 -14.01 -21.82 7.14
N SER B 201 -15.09 -21.53 7.87
CA SER B 201 -16.39 -22.06 7.51
C SER B 201 -17.44 -20.99 7.20
N ASP B 202 -18.23 -20.63 8.22
CA ASP B 202 -19.25 -19.58 8.21
C ASP B 202 -20.19 -19.58 7.00
N VAL B 203 -20.18 -18.52 6.20
CA VAL B 203 -21.15 -18.38 5.11
C VAL B 203 -20.40 -18.10 3.82
N ASP B 204 -20.61 -18.95 2.81
CA ASP B 204 -20.04 -18.75 1.50
C ASP B 204 -20.93 -17.82 0.69
N VAL B 205 -20.34 -16.74 0.17
CA VAL B 205 -21.08 -15.78 -0.64
C VAL B 205 -20.74 -15.89 -2.12
N ALA B 206 -19.58 -16.43 -2.47
CA ALA B 206 -19.23 -16.70 -3.86
C ALA B 206 -18.06 -17.68 -3.88
N ARG B 207 -17.82 -18.25 -5.05
CA ARG B 207 -16.68 -19.13 -5.29
C ARG B 207 -16.17 -18.86 -6.70
N VAL B 208 -14.85 -18.71 -6.83
CA VAL B 208 -14.22 -18.53 -8.12
C VAL B 208 -13.04 -19.49 -8.20
N LEU B 209 -12.49 -19.63 -9.40
CA LEU B 209 -11.25 -20.38 -9.58
C LEU B 209 -10.09 -19.40 -9.60
N THR B 210 -9.12 -19.65 -8.72
CA THR B 210 -7.94 -18.76 -8.61
C THR B 210 -6.68 -19.65 -8.60
N PRO B 211 -5.55 -19.15 -9.11
CA PRO B 211 -4.32 -19.97 -9.16
C PRO B 211 -3.60 -20.11 -7.84
N ASP B 212 -3.72 -19.15 -6.92
CA ASP B 212 -3.06 -19.20 -5.62
C ASP B 212 -3.89 -18.41 -4.62
N ALA B 213 -3.46 -18.42 -3.36
CA ALA B 213 -4.23 -17.75 -2.32
C ALA B 213 -4.18 -16.23 -2.43
N PHE B 214 -3.14 -15.68 -3.05
CA PHE B 214 -2.99 -14.23 -3.11
C PHE B 214 -3.99 -13.59 -4.06
N VAL B 215 -4.27 -14.23 -5.19
CA VAL B 215 -5.35 -13.76 -6.06
C VAL B 215 -6.69 -13.83 -5.31
N CYS B 216 -6.91 -14.93 -4.58
CA CYS B 216 -8.13 -15.09 -3.82
C CYS B 216 -8.33 -13.97 -2.81
N ARG B 217 -7.27 -13.63 -2.07
CA ARG B 217 -7.35 -12.55 -1.10
C ARG B 217 -7.68 -11.22 -1.76
N THR B 218 -7.03 -10.92 -2.89
CA THR B 218 -7.31 -9.67 -3.57
C THR B 218 -8.75 -9.60 -4.08
N ILE B 219 -9.27 -10.72 -4.57
CA ILE B 219 -10.67 -10.74 -4.99
C ILE B 219 -11.60 -10.53 -3.78
N CYS B 220 -11.29 -11.20 -2.66
CA CYS B 220 -12.08 -11.00 -1.46
C CYS B 220 -12.07 -9.53 -1.04
N THR B 221 -10.89 -8.92 -1.11
CA THR B 221 -10.71 -7.52 -0.73
C THR B 221 -11.68 -6.60 -1.45
N TYR B 222 -11.85 -6.78 -2.75
CA TYR B 222 -12.69 -5.89 -3.55
C TYR B 222 -14.07 -6.46 -3.82
N HIS B 223 -14.38 -7.67 -3.31
CA HIS B 223 -15.75 -8.15 -3.41
C HIS B 223 -16.57 -7.60 -2.25
N PRO B 224 -17.70 -6.94 -2.51
CA PRO B 224 -18.43 -6.25 -1.43
C PRO B 224 -18.92 -7.14 -0.30
N ASN B 225 -19.24 -8.41 -0.56
CA ASN B 225 -19.71 -9.31 0.50
C ASN B 225 -18.62 -10.15 1.17
N CYS B 226 -17.35 -10.03 0.79
CA CYS B 226 -16.31 -10.90 1.32
C CYS B 226 -15.54 -10.20 2.44
N LEU B 227 -15.50 -10.84 3.61
CA LEU B 227 -14.62 -10.41 4.71
C LEU B 227 -13.42 -11.33 4.91
N PHE B 228 -13.53 -12.60 4.54
CA PHE B 228 -12.42 -13.54 4.66
C PHE B 228 -12.66 -14.68 3.67
N PHE B 229 -11.65 -15.54 3.53
CA PHE B 229 -11.71 -16.55 2.47
C PHE B 229 -10.97 -17.81 2.86
N THR B 230 -11.24 -18.87 2.09
CA THR B 230 -10.48 -20.12 2.15
C THR B 230 -10.17 -20.57 0.73
N PHE B 231 -8.90 -20.85 0.44
CA PHE B 231 -8.44 -21.30 -0.87
C PHE B 231 -8.11 -22.79 -0.84
N TYR B 232 -8.64 -23.52 -1.82
CA TYR B 232 -8.33 -24.93 -1.98
C TYR B 232 -7.25 -25.07 -3.03
N THR B 233 -6.09 -25.61 -2.63
CA THR B 233 -4.94 -25.58 -3.52
C THR B 233 -5.11 -26.62 -4.63
N ASN B 234 -4.23 -26.54 -5.62
CA ASN B 234 -4.22 -27.51 -6.70
C ASN B 234 -3.87 -28.93 -6.28
N VAL B 235 -3.43 -29.18 -5.04
CA VAL B 235 -3.28 -30.56 -4.58
C VAL B 235 -4.35 -30.95 -3.57
N TRP B 236 -5.43 -30.17 -3.47
CA TRP B 236 -6.54 -30.55 -2.60
C TRP B 236 -7.17 -31.86 -3.05
N LYS B 237 -7.47 -32.74 -2.08
CA LYS B 237 -7.81 -34.13 -2.35
C LYS B 237 -9.04 -34.35 -3.23
N ILE B 238 -10.01 -33.45 -3.23
CA ILE B 238 -11.27 -33.65 -3.96
C ILE B 238 -11.24 -32.88 -5.28
N GLU B 239 -11.30 -33.64 -6.37
CA GLU B 239 -11.02 -33.14 -7.73
C GLU B 239 -11.84 -31.89 -8.06
N SER B 240 -13.17 -31.96 -7.88
CA SER B 240 -14.01 -30.84 -8.31
C SER B 240 -13.79 -29.58 -7.50
N GLN B 241 -13.01 -29.63 -6.43
CA GLN B 241 -12.81 -28.47 -5.56
C GLN B 241 -11.40 -27.88 -5.65
N ARG B 242 -10.54 -28.38 -6.51
CA ARG B 242 -9.19 -27.83 -6.65
C ARG B 242 -9.20 -26.42 -7.23
N ASN B 243 -8.32 -25.57 -6.68
CA ASN B 243 -8.16 -24.16 -7.06
C ASN B 243 -9.40 -23.31 -6.80
N VAL B 244 -10.31 -23.78 -5.97
CA VAL B 244 -11.52 -23.02 -5.66
C VAL B 244 -11.21 -21.98 -4.60
N CYS B 245 -11.51 -20.72 -4.89
CA CYS B 245 -11.40 -19.62 -3.95
C CYS B 245 -12.77 -19.34 -3.38
N LEU B 246 -12.95 -19.61 -2.08
CA LEU B 246 -14.23 -19.52 -1.40
C LEU B 246 -14.31 -18.21 -0.64
N LEU B 247 -15.18 -17.30 -1.10
CA LEU B 247 -15.37 -16.01 -0.47
C LEU B 247 -16.43 -16.13 0.62
N LYS B 248 -16.16 -15.54 1.80
CA LYS B 248 -16.94 -15.82 3.00
C LYS B 248 -17.22 -14.55 3.80
N THR B 249 -18.25 -14.64 4.63
CA THR B 249 -18.54 -13.64 5.67
C THR B 249 -19.17 -14.34 6.86
N SER B 250 -19.45 -13.57 7.92
CA SER B 250 -20.14 -14.07 9.11
C SER B 250 -20.96 -12.94 9.70
N GLU B 251 -21.80 -13.28 10.68
CA GLU B 251 -22.68 -12.28 11.34
C GLU B 251 -21.84 -11.22 12.08
N SER B 252 -20.80 -11.64 12.78
CA SER B 252 -19.99 -10.66 13.50
C SER B 252 -19.00 -9.96 12.58
N GLY B 253 -18.73 -10.53 11.41
CA GLY B 253 -17.69 -10.05 10.54
C GLY B 253 -16.34 -10.71 10.71
N THR B 254 -16.14 -11.48 11.78
CA THR B 254 -14.91 -12.24 11.99
C THR B 254 -15.25 -13.72 11.97
N PRO B 255 -14.29 -14.57 11.58
CA PRO B 255 -14.55 -16.02 11.57
C PRO B 255 -14.93 -16.53 12.95
N SER B 256 -15.98 -17.36 12.98
CA SER B 256 -16.41 -17.96 14.23
C SER B 256 -15.72 -19.28 14.54
N SER B 257 -14.97 -19.83 13.59
CA SER B 257 -14.22 -21.04 13.83
C SER B 257 -13.05 -21.15 12.85
N SER B 258 -12.22 -22.17 13.06
CA SER B 258 -11.11 -22.50 12.18
C SER B 258 -10.86 -24.00 12.30
N THR B 259 -10.47 -24.62 11.19
CA THR B 259 -10.30 -26.06 11.12
C THR B 259 -9.01 -26.41 10.40
N PRO B 260 -8.06 -27.06 11.06
CA PRO B 260 -6.91 -27.61 10.33
C PRO B 260 -7.37 -28.58 9.26
N GLN B 261 -6.81 -28.45 8.07
CA GLN B 261 -7.24 -29.20 6.90
C GLN B 261 -6.11 -29.05 5.91
N GLU B 262 -5.49 -30.13 5.48
CA GLU B 262 -4.30 -30.01 4.59
C GLU B 262 -4.67 -29.49 3.19
N ASN B 263 -3.75 -28.77 2.53
CA ASN B 263 -3.92 -28.25 1.18
C ASN B 263 -5.08 -27.28 1.14
N THR B 264 -5.24 -26.53 2.22
CA THR B 264 -6.20 -25.45 2.32
C THR B 264 -5.49 -24.21 2.87
N ILE B 265 -5.83 -23.02 2.36
CA ILE B 265 -5.14 -21.78 2.75
C ILE B 265 -6.16 -20.67 2.97
N SER B 266 -6.08 -19.99 4.12
CA SER B 266 -7.06 -18.99 4.50
C SER B 266 -6.42 -17.65 4.82
N GLY B 267 -7.26 -16.63 4.80
CA GLY B 267 -6.83 -15.26 5.09
C GLY B 267 -8.02 -14.33 5.09
N TYR B 268 -7.74 -13.03 5.19
CA TYR B 268 -8.77 -12.02 5.37
C TYR B 268 -8.82 -11.05 4.19
N SER B 269 -9.96 -10.39 4.06
CA SER B 269 -10.02 -9.19 3.24
C SER B 269 -9.04 -8.14 3.77
N LEU B 270 -8.39 -7.44 2.84
CA LEU B 270 -7.42 -6.40 3.18
C LEU B 270 -7.97 -4.99 2.97
N LEU B 271 -9.29 -4.84 2.87
CA LEU B 271 -9.84 -3.52 2.55
C LEU B 271 -9.67 -2.54 3.70
N THR B 272 -9.49 -3.01 4.94
CA THR B 272 -9.21 -2.09 6.02
C THR B 272 -7.78 -1.55 6.01
N CYS B 273 -6.88 -2.15 5.24
CA CYS B 273 -5.47 -1.78 5.32
C CYS B 273 -5.27 -0.40 4.73
N LYS B 274 -4.31 0.34 5.29
CA LYS B 274 -4.01 1.70 4.87
C LYS B 274 -2.77 1.81 3.99
N ARG B 275 -1.73 1.05 4.32
CA ARG B 275 -0.44 1.12 3.63
C ARG B 275 -0.13 -0.10 2.77
N THR B 276 -0.85 -1.21 2.98
CA THR B 276 -0.55 -2.51 2.31
C THR B 276 -1.71 -3.04 1.47
N LEU B 277 -2.71 -2.24 1.19
CA LEU B 277 -3.83 -2.57 0.31
C LEU B 277 -3.33 -3.01 -1.05
N PRO B 278 -3.71 -4.19 -1.53
CA PRO B 278 -3.34 -4.59 -2.90
C PRO B 278 -4.13 -3.80 -3.93
N GLU B 279 -3.52 -3.59 -5.08
CA GLU B 279 -4.25 -2.94 -6.15
C GLU B 279 -5.23 -3.95 -6.75
N PRO B 280 -6.29 -3.49 -7.41
CA PRO B 280 -7.32 -4.43 -7.88
C PRO B 280 -6.97 -5.12 -9.19
N CYS B 281 -5.73 -5.60 -9.27
CA CYS B 281 -5.27 -6.39 -10.39
C CYS B 281 -4.16 -7.31 -9.90
N HIS B 282 -4.00 -8.44 -10.59
CA HIS B 282 -2.89 -9.39 -10.28
C HIS B 282 -1.96 -9.44 -11.51
N SER B 283 -0.76 -8.91 -11.39
CA SER B 283 0.18 -8.77 -12.52
C SER B 283 1.14 -9.95 -12.70
N LYS B 284 1.02 -11.01 -11.93
CA LYS B 284 2.00 -12.11 -12.01
C LYS B 284 1.66 -13.08 -13.13
N ILE B 285 2.66 -13.47 -13.90
CA ILE B 285 2.47 -14.47 -14.98
C ILE B 285 2.69 -15.86 -14.40
N TYR B 286 1.91 -16.84 -14.83
CA TYR B 286 1.96 -18.20 -14.30
C TYR B 286 2.45 -19.19 -15.35
N PRO B 287 3.73 -19.54 -15.34
CA PRO B 287 4.22 -20.52 -16.33
C PRO B 287 3.62 -21.89 -16.11
N GLY B 288 3.37 -22.59 -17.22
CA GLY B 288 2.88 -23.95 -17.16
C GLY B 288 1.40 -24.10 -16.91
N VAL B 289 0.62 -23.03 -17.05
CA VAL B 289 -0.77 -22.98 -16.64
C VAL B 289 -1.62 -22.40 -17.77
N ASP B 290 -2.80 -22.99 -17.97
CA ASP B 290 -3.78 -22.50 -18.93
C ASP B 290 -5.01 -21.98 -18.18
N PHE B 291 -5.49 -20.78 -18.55
CA PHE B 291 -6.74 -20.23 -18.02
C PHE B 291 -7.88 -20.42 -19.01
N GLY B 292 -8.81 -21.32 -18.68
CA GLY B 292 -9.98 -21.54 -19.51
C GLY B 292 -10.94 -20.36 -19.50
N GLY B 293 -11.63 -20.18 -20.62
CA GLY B 293 -12.65 -19.16 -20.71
C GLY B 293 -13.15 -19.01 -22.12
N GLU B 294 -14.13 -18.11 -22.28
CA GLU B 294 -14.66 -17.81 -23.61
C GLU B 294 -13.58 -17.17 -24.46
N GLU B 295 -13.42 -17.66 -25.69
CA GLU B 295 -12.41 -17.11 -26.58
C GLU B 295 -12.90 -15.79 -27.15
N LEU B 296 -12.11 -14.72 -26.94
CA LEU B 296 -12.45 -13.40 -27.43
C LEU B 296 -11.66 -12.99 -28.68
N ASN B 297 -10.35 -13.29 -28.73
CA ASN B 297 -9.53 -12.95 -29.89
C ASN B 297 -8.21 -13.72 -29.77
N VAL B 298 -7.68 -14.17 -30.91
CA VAL B 298 -6.41 -14.89 -30.98
C VAL B 298 -5.46 -14.13 -31.87
N THR B 299 -4.26 -13.84 -31.36
CA THR B 299 -3.28 -13.07 -32.11
C THR B 299 -1.88 -13.62 -31.88
N PHE B 300 -1.05 -13.56 -32.93
CA PHE B 300 0.35 -13.93 -32.80
C PHE B 300 1.13 -12.73 -32.26
N VAL B 301 1.89 -12.94 -31.18
CA VAL B 301 2.64 -11.87 -30.53
C VAL B 301 3.98 -12.41 -30.04
N LYS B 302 4.89 -11.48 -29.75
CA LYS B 302 6.27 -11.79 -29.36
C LYS B 302 6.41 -11.82 -27.84
N GLY B 303 6.23 -13.00 -27.25
CA GLY B 303 6.50 -13.17 -25.84
C GLY B 303 5.33 -12.79 -24.93
N VAL B 304 5.18 -13.53 -23.83
CA VAL B 304 4.04 -13.44 -22.93
C VAL B 304 3.74 -12.03 -22.47
N ASN B 305 4.78 -11.22 -22.27
CA ASN B 305 4.56 -9.84 -21.81
C ASN B 305 3.77 -9.06 -22.84
N VAL B 306 4.07 -9.25 -24.13
CA VAL B 306 3.29 -8.55 -25.13
C VAL B 306 1.87 -9.09 -25.15
N CYS B 307 1.71 -10.38 -24.89
CA CYS B 307 0.37 -10.97 -24.78
C CYS B 307 -0.42 -10.34 -23.65
N GLN B 308 0.23 -10.09 -22.51
CA GLN B 308 -0.45 -9.36 -21.45
C GLN B 308 -0.79 -7.95 -21.89
N GLU B 309 0.17 -7.24 -22.52
CA GLU B 309 -0.10 -5.89 -23.00
C GLU B 309 -1.32 -5.83 -23.91
N THR B 310 -1.46 -6.75 -24.87
CA THR B 310 -2.65 -6.69 -25.72
C THR B 310 -3.92 -6.99 -24.94
N CYS B 311 -3.85 -7.95 -24.01
CA CYS B 311 -5.08 -8.33 -23.28
C CYS B 311 -5.60 -7.08 -22.55
N THR B 312 -4.72 -6.42 -21.80
CA THR B 312 -5.11 -5.18 -21.08
C THR B 312 -5.67 -4.18 -22.09
N LYS B 313 -4.92 -3.85 -23.14
CA LYS B 313 -5.36 -2.83 -24.09
C LYS B 313 -6.73 -3.16 -24.68
N MET B 314 -7.06 -4.44 -24.83
CA MET B 314 -8.38 -4.89 -25.29
C MET B 314 -9.32 -5.02 -24.10
N ILE B 315 -10.16 -4.00 -23.89
CA ILE B 315 -10.86 -3.78 -22.62
C ILE B 315 -11.77 -4.94 -22.20
N ARG B 316 -12.34 -5.70 -23.14
CA ARG B 316 -13.15 -6.83 -22.68
C ARG B 316 -12.33 -8.04 -22.27
N CYS B 317 -11.03 -8.05 -22.56
CA CYS B 317 -10.17 -9.14 -22.11
C CYS B 317 -10.04 -9.11 -20.59
N GLN B 318 -10.27 -10.26 -19.96
CA GLN B 318 -10.10 -10.41 -18.52
C GLN B 318 -8.80 -11.11 -18.16
N PHE B 319 -8.45 -12.10 -18.96
CA PHE B 319 -7.24 -12.92 -18.69
C PHE B 319 -6.73 -13.49 -20.03
N PHE B 320 -5.48 -13.93 -20.05
CA PHE B 320 -4.86 -14.42 -21.29
C PHE B 320 -4.07 -15.69 -21.08
N THR B 321 -3.68 -16.35 -22.18
CA THR B 321 -2.83 -17.56 -22.11
C THR B 321 -1.90 -17.53 -23.32
N TYR B 322 -0.58 -17.44 -23.09
CA TYR B 322 0.35 -17.36 -24.20
C TYR B 322 0.83 -18.78 -24.49
N SER B 323 0.44 -19.32 -25.64
CA SER B 323 0.71 -20.72 -25.90
C SER B 323 2.07 -20.90 -26.55
N LEU B 324 2.67 -22.06 -26.25
CA LEU B 324 3.97 -22.42 -26.84
C LEU B 324 3.86 -23.89 -27.29
N LEU B 325 2.64 -24.41 -27.47
CA LEU B 325 2.47 -25.77 -27.98
C LEU B 325 3.18 -25.96 -29.30
N GLU B 327 1.96 -27.62 -32.55
CA GLU B 327 2.60 -26.33 -32.39
C GLU B 327 1.78 -25.14 -32.92
N ASP B 328 1.46 -24.18 -32.06
CA ASP B 328 0.83 -22.92 -32.43
C ASP B 328 1.70 -21.73 -32.05
N CYS B 329 3.03 -21.84 -32.26
CA CYS B 329 4.00 -20.78 -31.90
C CYS B 329 4.85 -20.46 -33.12
N LYS B 330 4.69 -21.22 -34.20
CA LYS B 330 5.48 -21.03 -35.43
C LYS B 330 5.51 -19.60 -35.97
N ALA B 333 7.01 -15.12 -32.99
CA ALA B 333 5.78 -14.80 -32.27
C ALA B 333 4.89 -16.03 -32.11
N CYS B 334 3.97 -15.99 -31.15
CA CYS B 334 3.12 -17.15 -30.87
C CYS B 334 1.70 -16.71 -30.59
N LYS B 335 0.79 -17.68 -30.62
CA LYS B 335 -0.62 -17.38 -30.48
C LYS B 335 -0.91 -16.93 -29.06
N CYS B 336 -1.59 -15.79 -28.96
CA CYS B 336 -1.94 -15.18 -27.68
C CYS B 336 -3.46 -15.20 -27.57
N PHE B 337 -3.98 -16.06 -26.70
CA PHE B 337 -5.42 -16.28 -26.55
C PHE B 337 -5.97 -15.32 -25.49
N LEU B 338 -6.84 -14.39 -25.92
CA LEU B 338 -7.47 -13.44 -25.01
C LEU B 338 -8.85 -13.95 -24.62
N ARG B 339 -9.16 -13.93 -23.32
CA ARG B 339 -10.36 -14.59 -22.80
C ARG B 339 -11.10 -13.75 -21.78
N LEU B 340 -12.31 -14.21 -21.47
CA LEU B 340 -13.17 -13.60 -20.46
C LEU B 340 -14.18 -14.65 -19.98
N SER B 341 -14.76 -14.38 -18.81
CA SER B 341 -15.84 -15.19 -18.23
C SER B 341 -16.89 -14.26 -17.65
N MET B 342 -17.91 -14.87 -17.02
CA MET B 342 -18.94 -14.09 -16.34
C MET B 342 -18.40 -13.37 -15.11
N ASP B 343 -17.38 -13.91 -14.44
CA ASP B 343 -16.97 -13.37 -13.14
C ASP B 343 -15.56 -12.79 -13.12
N GLY B 344 -14.89 -12.70 -14.27
CA GLY B 344 -13.57 -12.12 -14.32
C GLY B 344 -12.43 -13.07 -14.08
N SER B 345 -12.71 -14.32 -13.73
CA SER B 345 -11.72 -15.32 -13.39
C SER B 345 -11.84 -16.52 -14.32
N PRO B 346 -10.77 -17.32 -14.47
CA PRO B 346 -10.76 -18.43 -15.40
C PRO B 346 -11.82 -19.51 -15.15
N THR B 347 -12.43 -20.00 -16.23
CA THR B 347 -13.50 -21.02 -16.10
C THR B 347 -12.85 -22.35 -15.73
N ARG B 348 -11.55 -22.50 -16.04
CA ARG B 348 -10.77 -23.72 -15.65
C ARG B 348 -9.28 -23.41 -15.56
N ILE B 349 -8.60 -23.93 -14.53
CA ILE B 349 -7.13 -23.74 -14.39
C ILE B 349 -6.46 -25.10 -14.55
N ALA B 350 -5.68 -25.27 -15.60
CA ALA B 350 -5.04 -26.53 -15.95
C ALA B 350 -3.53 -26.38 -15.79
N TYR B 351 -2.92 -27.31 -15.07
CA TYR B 351 -1.49 -27.29 -14.79
C TYR B 351 -0.76 -28.23 -15.75
N GLY B 352 0.56 -28.06 -15.81
CA GLY B 352 1.37 -28.90 -16.68
C GLY B 352 1.05 -28.69 -18.15
N THR B 353 1.00 -27.44 -18.62
CA THR B 353 0.71 -27.11 -20.01
C THR B 353 1.87 -26.29 -20.53
N GLN B 354 1.97 -26.34 -21.89
CA GLN B 354 2.99 -25.61 -22.68
C GLN B 354 2.36 -24.29 -23.08
N GLY B 355 2.37 -23.35 -22.17
CA GLY B 355 1.75 -22.03 -22.25
C GLY B 355 1.79 -21.36 -20.87
N SER B 356 1.88 -20.03 -20.90
CA SER B 356 1.90 -19.18 -19.71
C SER B 356 0.67 -18.27 -19.68
N SER B 357 -0.01 -18.24 -18.54
CA SER B 357 -1.25 -17.48 -18.33
C SER B 357 -1.04 -16.29 -17.40
N GLY B 358 -1.95 -15.31 -17.50
CA GLY B 358 -1.98 -14.14 -16.64
C GLY B 358 -3.28 -13.38 -16.74
N TYR B 359 -3.34 -12.17 -16.18
CA TYR B 359 -4.56 -11.37 -16.16
C TYR B 359 -4.38 -10.04 -16.90
N SER B 360 -5.51 -9.49 -17.33
CA SER B 360 -5.54 -8.09 -17.74
C SER B 360 -5.11 -7.18 -16.60
N LEU B 361 -4.37 -6.13 -16.93
CA LEU B 361 -4.02 -5.07 -16.00
C LEU B 361 -4.92 -3.84 -16.16
N ARG B 362 -6.08 -4.01 -16.81
CA ARG B 362 -7.00 -2.91 -17.05
C ARG B 362 -7.37 -2.15 -15.78
N LEU B 363 -7.36 -2.82 -14.63
CA LEU B 363 -7.81 -2.17 -13.37
C LEU B 363 -6.63 -1.78 -12.46
N CYS B 364 -5.39 -2.04 -12.89
CA CYS B 364 -4.26 -1.55 -12.09
C CYS B 364 -4.32 -0.04 -11.97
N ASN B 365 -4.18 0.45 -10.73
CA ASN B 365 -4.26 1.88 -10.42
C ASN B 365 -3.02 2.39 -9.70
N THR B 366 -1.89 1.73 -9.93
CA THR B 366 -0.62 2.12 -9.26
C THR B 366 0.52 1.26 -9.81
N THR C 1 -39.75 10.28 -19.27
CA THR C 1 -38.60 11.16 -19.61
C THR C 1 -38.73 12.49 -18.86
N GLN C 2 -39.80 13.25 -19.12
CA GLN C 2 -40.05 14.51 -18.37
C GLN C 2 -40.61 14.08 -17.02
N SER C 3 -39.77 13.44 -16.20
CA SER C 3 -40.27 12.82 -14.94
C SER C 3 -41.28 11.68 -15.08
N ASP C 4 -41.23 10.92 -16.17
CA ASP C 4 -42.21 9.83 -16.42
C ASP C 4 -41.61 8.49 -15.94
N ASP C 5 -42.30 7.37 -16.17
CA ASP C 5 -41.74 6.03 -15.84
C ASP C 5 -41.54 5.30 -17.16
N ASP C 6 -40.71 4.25 -17.22
CA ASP C 6 -40.62 3.59 -18.59
C ASP C 6 -40.36 2.06 -18.60
N TRP C 7 -40.13 1.47 -19.77
CA TRP C 7 -39.86 0.01 -19.89
C TRP C 7 -38.49 -0.34 -19.31
N ILE C 8 -37.79 0.64 -18.72
CA ILE C 8 -36.43 0.41 -18.13
C ILE C 8 -36.45 -0.91 -17.34
N PRO C 9 -35.36 -1.72 -17.31
CA PRO C 9 -35.36 -2.95 -16.50
C PRO C 9 -35.73 -2.73 -15.04
N ASP C 10 -36.21 -3.79 -14.40
CA ASP C 10 -36.43 -3.76 -12.96
C ASP C 10 -35.10 -3.92 -12.23
N ILE C 11 -35.00 -3.29 -11.07
CA ILE C 11 -33.84 -3.45 -10.20
C ILE C 11 -34.03 -4.70 -9.35
N GLN C 12 -32.95 -5.46 -9.18
CA GLN C 12 -33.04 -6.74 -8.42
C GLN C 12 -33.03 -6.57 -6.89
N ILE C 13 -33.97 -7.22 -6.20
CA ILE C 13 -34.05 -7.06 -4.72
C ILE C 13 -34.27 -8.41 -4.01
N ASP C 14 -33.34 -8.81 -3.13
CA ASP C 14 -33.44 -10.13 -2.44
C ASP C 14 -33.14 -10.02 -0.93
N PRO C 15 -33.80 -9.12 -0.15
CA PRO C 15 -33.52 -8.96 1.27
C PRO C 15 -34.44 -9.83 2.13
N ASN C 16 -34.13 -9.92 3.42
CA ASN C 16 -34.92 -10.79 4.34
C ASN C 16 -36.41 -10.47 4.20
N GLY C 17 -37.26 -11.51 4.33
CA GLY C 17 -38.72 -11.30 4.18
C GLY C 17 -39.15 -10.78 5.54
N LEU C 18 -38.37 -9.85 6.10
CA LEU C 18 -38.79 -9.19 7.35
C LEU C 18 -39.07 -10.25 8.41
N SER C 19 -38.42 -11.41 8.29
CA SER C 19 -38.57 -12.45 9.34
C SER C 19 -38.65 -11.68 10.66
N PHE C 20 -37.70 -10.76 10.87
CA PHE C 20 -37.77 -9.87 12.05
C PHE C 20 -36.52 -9.01 11.96
N ASN C 21 -36.61 -7.82 12.50
CA ASN C 21 -35.46 -6.92 12.63
C ASN C 21 -35.95 -5.97 13.71
N PRO C 22 -35.31 -5.93 14.87
CA PRO C 22 -35.83 -5.16 16.00
C PRO C 22 -35.34 -3.71 15.89
N ILE C 23 -34.75 -3.36 14.76
CA ILE C 23 -34.21 -1.98 14.55
C ILE C 23 -35.04 -1.43 13.38
N SER C 24 -35.95 -0.51 13.66
CA SER C 24 -36.86 0.01 12.64
C SER C 24 -36.18 1.11 11.83
N ASP C 25 -36.68 1.30 10.60
CA ASP C 25 -36.18 2.35 9.75
C ASP C 25 -36.73 3.70 10.18
N PHE C 26 -36.19 4.75 9.59
CA PHE C 26 -36.70 6.09 9.87
C PHE C 26 -38.08 6.24 9.24
N PRO C 27 -39.10 6.63 10.01
CA PRO C 27 -40.45 6.69 9.45
C PRO C 27 -40.64 7.89 8.53
N ASP C 28 -41.67 7.78 7.68
CA ASP C 28 -41.95 8.78 6.67
C ASP C 28 -42.95 9.82 7.16
N THR C 29 -42.79 11.04 6.66
CA THR C 29 -43.75 12.12 6.89
C THR C 29 -45.16 11.67 6.53
N PRO D 22 45.97 -2.25 2.59
CA PRO D 22 45.94 -3.65 2.97
C PRO D 22 45.31 -4.58 1.90
N ILE D 23 43.99 -4.66 1.85
CA ILE D 23 43.30 -5.40 0.79
C ILE D 23 43.02 -4.43 -0.34
N SER D 24 43.79 -4.57 -1.42
CA SER D 24 43.77 -3.62 -2.52
C SER D 24 42.57 -3.87 -3.43
N ASP D 25 42.24 -2.84 -4.22
CA ASP D 25 41.13 -2.94 -5.14
C ASP D 25 41.55 -3.60 -6.44
N PHE D 26 40.55 -4.01 -7.21
CA PHE D 26 40.80 -4.59 -8.52
C PHE D 26 41.45 -3.54 -9.43
N PRO D 27 42.49 -3.89 -10.18
CA PRO D 27 43.26 -2.89 -10.91
C PRO D 27 42.62 -2.43 -12.22
N ASP D 28 43.06 -1.26 -12.66
CA ASP D 28 42.70 -0.65 -13.95
C ASP D 28 41.21 -0.35 -14.12
#